data_2ATA
#
_entry.id   2ATA
#
_cell.length_a   54.649
_cell.length_b   57.998
_cell.length_c   77.983
_cell.angle_alpha   83.35
_cell.angle_beta   87.55
_cell.angle_gamma   73.50
#
_symmetry.space_group_name_H-M   'P 1'
#
loop_
_entity.id
_entity.type
_entity.pdbx_description
1 polymer "5'-D(*AP*AP*GP*GP*CP*AP*TP*GP*CP*CP*TP*T)-3'"
2 polymer 'Cellular tumor antigen p53'
3 non-polymer 'ZINC ION'
4 water water
#
loop_
_entity_poly.entity_id
_entity_poly.type
_entity_poly.pdbx_seq_one_letter_code
_entity_poly.pdbx_strand_id
1 'polydeoxyribonucleotide' (DA)(DA)(DG)(DG)(DC)(DA)(DT)(DG)(DC)(DC)(DT)(DT) E,F,G,H
2 'polypeptide(L)'
;SSSVPSQKTYQGSYGFRLGFLHSGTAKSVTCTYSPALNKMFCQLAKTCPVQLWVDSTPPPGTRVRAMAIYKQSQHMTEVV
RRCPHHERCSDSDGLAPPQHLIRVEGNLRVEYLDDRNTFRHSVVVPYEPPEVGSDCTTIHYNYMCNSSCMGGMNRRPILT
IITLEDSSGNLLGRNSFEVRVCACPGRDRRTEEENLRKKG
;
A,B,C,D
#
loop_
_chem_comp.id
_chem_comp.type
_chem_comp.name
_chem_comp.formula
DA DNA linking 2'-DEOXYADENOSINE-5'-MONOPHOSPHATE 'C10 H14 N5 O6 P'
DC DNA linking 2'-DEOXYCYTIDINE-5'-MONOPHOSPHATE 'C9 H14 N3 O7 P'
DG DNA linking 2'-DEOXYGUANOSINE-5'-MONOPHOSPHATE 'C10 H14 N5 O7 P'
DT DNA linking THYMIDINE-5'-MONOPHOSPHATE 'C10 H15 N2 O8 P'
ZN non-polymer 'ZINC ION' 'Zn 2'
#
# COMPACT_ATOMS: atom_id res chain seq x y z
N SER E 3 5.23 -6.50 38.68
CA SER E 3 4.47 -7.79 38.72
C SER E 3 3.70 -8.07 37.41
N VAL E 4 2.37 -8.09 37.57
CA VAL E 4 1.36 -8.08 36.53
C VAL E 4 0.45 -6.95 36.94
N PRO E 5 0.06 -6.08 36.00
CA PRO E 5 -0.80 -4.95 36.39
C PRO E 5 -2.17 -5.46 36.85
N SER E 6 -2.79 -4.81 37.84
CA SER E 6 -4.11 -5.28 38.31
C SER E 6 -5.19 -5.04 37.25
N GLN E 7 -6.10 -5.99 37.08
CA GLN E 7 -7.24 -5.81 36.15
C GLN E 7 -8.60 -5.58 36.83
N LYS E 8 -8.61 -5.63 38.17
CA LYS E 8 -9.83 -5.51 38.99
C LYS E 8 -10.61 -4.20 38.73
N THR E 9 -11.83 -4.35 38.28
CA THR E 9 -12.69 -3.20 38.08
C THR E 9 -12.95 -2.45 39.36
N TYR E 10 -12.79 -1.13 39.34
CA TYR E 10 -13.38 -0.30 40.36
C TYR E 10 -13.74 1.05 39.88
N GLN E 11 -14.94 1.50 40.29
CA GLN E 11 -15.48 2.77 39.80
C GLN E 11 -14.81 3.94 40.45
N GLY E 12 -14.35 3.73 41.67
CA GLY E 12 -13.67 4.79 42.44
C GLY E 12 -14.57 5.98 42.65
N SER E 13 -13.99 7.11 43.04
CA SER E 13 -14.79 8.22 43.58
C SER E 13 -15.55 9.04 42.54
N TYR E 14 -15.14 8.92 41.27
CA TYR E 14 -15.84 9.62 40.15
C TYR E 14 -16.91 8.75 39.46
N GLY E 15 -17.11 7.54 39.97
CA GLY E 15 -18.10 6.64 39.40
C GLY E 15 -17.67 6.23 37.97
N PHE E 16 -16.40 5.88 37.80
CA PHE E 16 -15.82 5.65 36.49
C PHE E 16 -16.29 4.33 35.86
N ARG E 17 -16.92 4.40 34.68
CA ARG E 17 -17.29 3.16 33.97
C ARG E 17 -17.24 3.33 32.46
N LEU E 18 -17.17 2.20 31.76
CA LEU E 18 -17.04 2.17 30.29
C LEU E 18 -18.42 1.86 29.71
N GLY E 19 -18.72 2.44 28.56
CA GLY E 19 -19.88 2.03 27.76
C GLY E 19 -19.34 1.69 26.37
N PHE E 20 -20.04 0.85 25.65
CA PHE E 20 -19.59 0.46 24.31
C PHE E 20 -20.71 0.73 23.33
N LEU E 21 -20.41 0.76 22.05
CA LEU E 21 -21.51 0.81 21.08
C LEU E 21 -22.10 -0.58 20.79
N HIS E 22 -23.40 -0.66 20.60
CA HIS E 22 -24.03 -1.95 20.37
C HIS E 22 -24.25 -2.11 18.90
N SER E 23 -23.27 -2.72 18.23
CA SER E 23 -23.19 -2.69 16.79
C SER E 23 -23.78 -3.90 16.10
N GLY E 24 -24.25 -4.90 16.87
CA GLY E 24 -24.91 -6.03 16.25
C GLY E 24 -23.85 -6.95 15.81
N THR E 25 -24.20 -8.04 15.11
CA THR E 25 -23.22 -9.06 14.81
C THR E 25 -23.11 -9.38 13.31
N ALA E 26 -23.42 -8.45 12.42
CA ALA E 26 -23.22 -8.72 10.97
C ALA E 26 -21.80 -9.18 10.80
N LYS E 27 -21.58 -10.11 9.86
CA LYS E 27 -20.33 -10.83 9.74
C LYS E 27 -19.10 -9.95 9.94
N SER E 28 -19.11 -8.84 9.23
CA SER E 28 -17.95 -7.99 9.05
C SER E 28 -18.13 -6.62 9.67
N VAL E 29 -19.00 -6.52 10.67
CA VAL E 29 -19.10 -5.30 11.45
C VAL E 29 -17.70 -4.91 11.92
N THR E 30 -17.39 -3.61 11.89
CA THR E 30 -16.05 -3.09 12.23
C THR E 30 -15.61 -3.41 13.66
N CYS E 31 -16.50 -3.13 14.61
CA CYS E 31 -16.27 -3.26 16.02
C CYS E 31 -17.65 -3.61 16.62
N THR E 32 -17.70 -4.57 17.52
CA THR E 32 -18.94 -4.88 18.25
C THR E 32 -18.56 -5.39 19.63
N TYR E 33 -19.49 -5.24 20.58
CA TYR E 33 -19.22 -5.57 21.96
C TYR E 33 -20.27 -6.54 22.52
N SER E 34 -19.79 -7.56 23.24
CA SER E 34 -20.63 -8.59 23.83
C SER E 34 -20.84 -8.40 25.33
N PRO E 35 -22.01 -7.87 25.76
CA PRO E 35 -22.23 -7.83 27.22
C PRO E 35 -22.06 -9.16 27.96
N ALA E 36 -22.54 -10.27 27.40
CA ALA E 36 -22.50 -11.53 28.12
C ALA E 36 -21.07 -11.92 28.34
N LEU E 37 -20.17 -11.54 27.40
CA LEU E 37 -18.75 -11.94 27.50
C LEU E 37 -17.83 -10.84 28.04
N ASN E 38 -18.36 -9.62 28.16
CA ASN E 38 -17.53 -8.43 28.40
C ASN E 38 -16.33 -8.46 27.45
N LYS E 39 -16.65 -8.58 26.17
CA LYS E 39 -15.64 -8.86 25.18
C LYS E 39 -15.91 -8.00 23.97
N MET E 40 -14.87 -7.31 23.51
CA MET E 40 -14.95 -6.50 22.27
C MET E 40 -14.33 -7.30 21.16
N PHE E 41 -14.99 -7.30 20.01
CA PHE E 41 -14.55 -8.03 18.84
C PHE E 41 -14.32 -6.93 17.84
N CYS E 42 -13.15 -6.88 17.22
CA CYS E 42 -12.83 -5.73 16.37
C CYS E 42 -11.84 -6.08 15.25
N GLN E 43 -11.82 -5.28 14.19
CA GLN E 43 -10.86 -5.47 13.12
C GLN E 43 -9.56 -4.67 13.33
N LEU E 44 -8.47 -5.24 12.82
CA LEU E 44 -7.15 -4.63 12.86
C LEU E 44 -7.22 -3.21 12.31
N ALA E 45 -6.68 -2.25 13.07
CA ALA E 45 -6.52 -0.85 12.64
C ALA E 45 -7.82 -0.06 12.48
N LYS E 46 -8.96 -0.62 12.85
CA LYS E 46 -10.24 0.09 12.67
C LYS E 46 -10.63 0.80 13.93
N THR E 47 -11.50 1.80 13.81
CA THR E 47 -11.97 2.54 14.94
C THR E 47 -12.73 1.64 15.93
N CYS E 48 -12.29 1.62 17.20
CA CYS E 48 -13.04 0.99 18.30
C CYS E 48 -13.45 2.01 19.33
N PRO E 49 -14.70 2.52 19.27
CA PRO E 49 -15.17 3.56 20.19
C PRO E 49 -15.31 2.95 21.61
N VAL E 50 -14.79 3.65 22.60
CA VAL E 50 -14.95 3.26 23.99
C VAL E 50 -15.38 4.52 24.76
N GLN E 51 -16.47 4.36 25.51
CA GLN E 51 -17.08 5.48 26.21
C GLN E 51 -16.63 5.54 27.65
N LEU E 52 -16.31 6.73 28.13
CA LEU E 52 -16.00 6.95 29.55
C LEU E 52 -17.21 7.62 30.15
N TRP E 53 -17.75 7.05 31.21
CA TRP E 53 -18.85 7.65 31.95
C TRP E 53 -18.36 7.87 33.38
N VAL E 54 -18.64 9.06 33.90
CA VAL E 54 -18.34 9.42 35.29
C VAL E 54 -19.58 10.04 35.94
N ASP E 55 -19.76 9.78 37.24
CA ASP E 55 -20.84 10.44 38.03
C ASP E 55 -20.43 11.84 38.44
N SER E 56 -19.12 12.07 38.56
CA SER E 56 -18.64 13.42 38.83
C SER E 56 -17.34 13.67 38.07
N THR E 57 -17.07 14.95 37.83
CA THR E 57 -15.99 15.36 36.97
C THR E 57 -14.68 15.37 37.73
N PRO E 58 -13.72 14.60 37.21
CA PRO E 58 -12.44 14.57 37.88
C PRO E 58 -11.65 15.86 37.55
N PRO E 59 -10.61 16.15 38.35
CA PRO E 59 -9.92 17.41 38.18
C PRO E 59 -9.21 17.45 36.83
N PRO E 60 -8.84 18.65 36.34
CA PRO E 60 -8.11 18.58 35.07
C PRO E 60 -6.66 18.21 35.42
N GLY E 61 -5.97 17.61 34.45
CA GLY E 61 -4.75 16.90 34.74
C GLY E 61 -5.05 15.43 34.95
N THR E 62 -6.35 15.07 35.03
CA THR E 62 -6.77 13.68 35.09
C THR E 62 -6.47 12.97 33.75
N ARG E 63 -6.00 11.73 33.81
CA ARG E 63 -5.64 11.07 32.55
C ARG E 63 -6.32 9.73 32.44
N VAL E 64 -6.43 9.23 31.20
CA VAL E 64 -7.04 7.93 30.88
C VAL E 64 -6.05 7.02 30.09
N ARG E 65 -5.57 5.96 30.76
CA ARG E 65 -4.59 5.06 30.15
C ARG E 65 -5.21 3.73 29.73
N ALA E 66 -4.65 3.11 28.68
CA ALA E 66 -5.13 1.84 28.16
C ALA E 66 -3.96 0.92 28.03
N MET E 67 -4.11 -0.31 28.46
CA MET E 67 -3.01 -1.28 28.40
C MET E 67 -3.53 -2.66 28.15
N ALA E 68 -2.86 -3.38 27.27
CA ALA E 68 -3.20 -4.82 27.09
C ALA E 68 -2.36 -5.75 27.95
N ILE E 69 -3.00 -6.74 28.53
CA ILE E 69 -2.31 -7.88 29.14
C ILE E 69 -2.87 -9.21 28.59
N TYR E 70 -2.09 -10.30 28.59
CA TYR E 70 -2.67 -11.60 28.33
C TYR E 70 -3.63 -12.00 29.44
N LYS E 71 -4.70 -12.69 29.06
CA LYS E 71 -5.75 -13.04 29.96
C LYS E 71 -5.41 -14.35 30.72
N GLN E 72 -4.81 -15.30 30.02
CA GLN E 72 -4.45 -16.58 30.62
C GLN E 72 -3.27 -16.46 31.56
N SER E 73 -3.39 -17.15 32.69
CA SER E 73 -2.47 -16.97 33.82
C SER E 73 -1.05 -17.36 33.48
N GLN E 74 -0.88 -18.27 32.53
CA GLN E 74 0.43 -18.67 32.12
C GLN E 74 1.06 -17.72 31.12
N HIS E 75 0.31 -16.74 30.58
CA HIS E 75 0.91 -15.79 29.66
C HIS E 75 0.97 -14.40 30.25
N MET E 76 0.27 -14.20 31.36
CA MET E 76 0.10 -12.90 31.99
C MET E 76 1.35 -12.07 32.10
N THR E 77 2.48 -12.70 32.48
CA THR E 77 3.76 -11.97 32.72
C THR E 77 4.47 -11.57 31.43
N GLU E 78 3.97 -12.06 30.31
CA GLU E 78 4.54 -11.69 28.99
C GLU E 78 3.95 -10.38 28.45
N VAL E 79 4.81 -9.44 28.08
CA VAL E 79 4.37 -8.16 27.52
C VAL E 79 3.63 -8.42 26.17
N VAL E 80 2.41 -7.86 26.08
CA VAL E 80 1.64 -7.80 24.83
C VAL E 80 2.22 -6.81 23.86
N ARG E 81 2.63 -7.30 22.70
CA ARG E 81 3.18 -6.43 21.66
C ARG E 81 2.80 -6.88 20.25
N ARG E 82 2.96 -6.00 19.26
CA ARG E 82 2.78 -6.37 17.87
C ARG E 82 3.75 -7.42 17.44
N CYS E 83 3.34 -8.23 16.47
CA CYS E 83 4.18 -9.27 15.90
C CYS E 83 5.24 -8.60 15.01
N PRO E 84 6.29 -9.37 14.65
CA PRO E 84 7.37 -8.73 13.88
C PRO E 84 6.91 -8.14 12.55
N HIS E 85 5.92 -8.76 11.91
CA HIS E 85 5.50 -8.32 10.56
C HIS E 85 4.80 -6.96 10.64
N HIS E 86 3.83 -6.86 11.54
CA HIS E 86 3.08 -5.62 11.68
C HIS E 86 3.91 -4.55 12.28
N GLU E 87 4.86 -4.91 13.15
CA GLU E 87 5.77 -3.90 13.74
C GLU E 87 6.47 -3.22 12.59
N ARG E 88 6.72 -3.97 11.53
CA ARG E 88 7.53 -3.49 10.40
C ARG E 88 6.78 -2.80 9.29
N CYS E 89 5.49 -3.10 9.09
CA CYS E 89 4.62 -2.50 8.07
CA CYS E 89 4.79 -2.51 7.97
C CYS E 89 4.63 -0.99 8.08
N SER E 90 4.26 -0.36 6.96
CA SER E 90 4.13 1.10 6.89
C SER E 90 2.70 1.57 7.27
N ASP E 91 2.34 1.43 8.54
CA ASP E 91 1.00 1.81 8.96
C ASP E 91 1.01 2.90 10.04
N SER E 92 2.17 3.55 10.18
CA SER E 92 2.32 4.65 11.14
C SER E 92 1.33 5.81 11.00
N ASP E 93 0.82 6.27 12.13
CA ASP E 93 0.11 7.55 12.15
C ASP E 93 1.05 8.74 12.49
N GLY E 94 2.35 8.48 12.61
CA GLY E 94 3.31 9.55 12.92
C GLY E 94 3.40 9.82 14.41
N LEU E 95 2.54 9.16 15.19
CA LEU E 95 2.54 9.36 16.67
C LEU E 95 2.87 8.07 17.45
N ALA E 96 2.37 6.94 16.98
CA ALA E 96 2.45 5.73 17.75
C ALA E 96 3.73 5.01 17.43
N PRO E 97 4.37 4.37 18.45
CA PRO E 97 5.52 3.53 18.26
C PRO E 97 5.08 2.32 17.50
N PRO E 98 5.91 1.85 16.56
CA PRO E 98 5.56 0.68 15.71
C PRO E 98 5.28 -0.58 16.50
N GLN E 99 5.82 -0.71 17.70
CA GLN E 99 5.68 -1.92 18.51
C GLN E 99 4.35 -1.97 19.31
N HIS E 100 3.70 -0.82 19.50
CA HIS E 100 2.51 -0.77 20.36
C HIS E 100 1.24 -1.35 19.71
N LEU E 101 0.64 -2.37 20.31
CA LEU E 101 -0.68 -2.85 19.85
C LEU E 101 -1.78 -1.76 19.84
N ILE E 102 -1.87 -0.97 20.90
CA ILE E 102 -3.02 -0.09 21.05
C ILE E 102 -2.64 1.32 20.74
N ARG E 103 -3.41 1.94 19.85
CA ARG E 103 -3.26 3.36 19.51
C ARG E 103 -4.53 4.12 19.80
N VAL E 104 -4.42 5.45 19.94
CA VAL E 104 -5.58 6.31 19.97
C VAL E 104 -5.55 7.11 18.67
N GLU E 105 -6.66 7.05 17.95
CA GLU E 105 -6.78 7.93 16.79
C GLU E 105 -7.57 9.17 17.10
N GLY E 106 -7.26 10.26 16.38
CA GLY E 106 -8.01 11.48 16.42
C GLY E 106 -7.84 12.25 17.71
N ASN E 107 -6.69 12.11 18.35
CA ASN E 107 -6.46 12.90 19.55
C ASN E 107 -5.02 13.27 19.57
N LEU E 108 -4.81 14.54 19.25
CA LEU E 108 -3.49 15.11 19.13
C LEU E 108 -2.74 15.23 20.47
N ARG E 109 -3.44 14.99 21.57
CA ARG E 109 -2.80 15.00 22.87
C ARG E 109 -2.35 13.61 23.39
N VAL E 110 -2.41 12.60 22.51
CA VAL E 110 -2.09 11.22 22.91
C VAL E 110 -0.65 11.17 23.35
N GLU E 111 -0.37 10.27 24.29
CA GLU E 111 0.98 10.01 24.72
C GLU E 111 1.14 8.48 24.82
N TYR E 112 2.29 7.97 24.42
CA TYR E 112 2.62 6.57 24.56
C TYR E 112 3.68 6.35 25.64
N LEU E 113 3.62 5.22 26.32
CA LEU E 113 4.65 4.86 27.30
C LEU E 113 5.20 3.47 27.07
N ASP E 114 6.53 3.40 27.14
CA ASP E 114 7.25 2.14 27.34
C ASP E 114 7.62 2.12 28.81
N ASP E 115 7.09 1.18 29.59
CA ASP E 115 7.36 1.26 30.99
C ASP E 115 8.82 0.91 31.29
N ARG E 116 9.47 1.70 32.14
CA ARG E 116 10.90 1.46 32.38
C ARG E 116 11.17 0.23 33.24
N ASN E 117 10.22 -0.20 34.03
CA ASN E 117 10.43 -1.41 34.82
C ASN E 117 9.89 -2.70 34.20
N THR E 118 8.65 -2.64 33.68
CA THR E 118 7.93 -3.83 33.19
C THR E 118 8.04 -4.01 31.65
N PHE E 119 8.48 -2.93 30.98
CA PHE E 119 8.52 -2.83 29.53
C PHE E 119 7.13 -2.93 28.85
N ARG E 120 6.04 -2.92 29.62
CA ARG E 120 4.70 -2.97 29.03
C ARG E 120 4.42 -1.64 28.35
N HIS E 121 3.60 -1.72 27.29
CA HIS E 121 3.20 -0.53 26.54
C HIS E 121 1.88 -0.04 27.03
N SER E 122 1.65 1.26 26.87
CA SER E 122 0.35 1.85 27.16
C SER E 122 0.22 3.16 26.41
N VAL E 123 -1.05 3.54 26.23
CA VAL E 123 -1.42 4.78 25.57
C VAL E 123 -2.34 5.56 26.51
N VAL E 124 -2.04 6.84 26.64
CA VAL E 124 -2.74 7.67 27.57
C VAL E 124 -3.11 9.01 26.94
N VAL E 125 -4.30 9.51 27.29
CA VAL E 125 -4.81 10.80 26.84
C VAL E 125 -5.37 11.53 28.05
N PRO E 126 -5.37 12.87 28.01
CA PRO E 126 -5.92 13.64 29.11
C PRO E 126 -7.39 13.30 29.19
N TYR E 127 -7.93 13.20 30.40
CA TYR E 127 -9.37 13.07 30.49
C TYR E 127 -10.00 14.41 30.07
N GLU E 128 -11.03 14.32 29.24
CA GLU E 128 -11.81 15.50 28.90
C GLU E 128 -13.29 15.25 29.16
N PRO E 129 -14.00 16.24 29.75
CA PRO E 129 -15.44 16.13 30.03
C PRO E 129 -16.28 15.95 28.75
N PRO E 130 -17.48 15.36 28.90
CA PRO E 130 -18.35 15.19 27.74
C PRO E 130 -18.55 16.50 26.97
N GLU E 131 -18.55 16.44 25.63
CA GLU E 131 -19.01 17.55 24.79
C GLU E 131 -20.40 18.00 25.22
N VAL E 132 -20.63 19.31 25.26
CA VAL E 132 -21.87 19.85 25.81
C VAL E 132 -23.08 19.28 25.07
N GLY E 133 -24.03 18.74 25.86
CA GLY E 133 -25.20 18.02 25.31
C GLY E 133 -24.93 16.54 25.06
N SER E 134 -23.84 16.02 25.63
CA SER E 134 -23.52 14.60 25.62
C SER E 134 -23.18 14.16 27.03
N ASP E 135 -23.34 12.88 27.31
CA ASP E 135 -23.17 12.40 28.66
C ASP E 135 -21.97 11.53 28.92
N CYS E 136 -21.14 11.31 27.90
CA CYS E 136 -19.93 10.48 28.04
C CYS E 136 -18.79 10.97 27.15
N THR E 137 -17.57 10.54 27.44
CA THR E 137 -16.45 10.91 26.58
C THR E 137 -16.01 9.70 25.75
N THR E 138 -15.89 9.89 24.46
CA THR E 138 -15.52 8.74 23.60
C THR E 138 -14.07 8.83 23.20
N ILE E 139 -13.38 7.72 23.31
CA ILE E 139 -12.05 7.57 22.79
C ILE E 139 -12.09 6.54 21.67
N HIS E 140 -11.30 6.76 20.64
CA HIS E 140 -11.25 5.86 19.50
C HIS E 140 -9.95 5.09 19.57
N TYR E 141 -10.05 3.82 19.92
CA TYR E 141 -8.84 3.01 20.00
C TYR E 141 -8.66 2.28 18.69
N ASN E 142 -7.41 1.95 18.34
CA ASN E 142 -7.11 1.02 17.25
C ASN E 142 -6.23 -0.12 17.79
N TYR E 143 -6.53 -1.36 17.40
CA TYR E 143 -5.67 -2.49 17.72
C TYR E 143 -4.93 -2.89 16.46
N MET E 144 -3.61 -3.05 16.54
CA MET E 144 -2.80 -3.04 15.32
C MET E 144 -2.25 -4.38 14.94
N CYS E 145 -2.67 -5.42 15.65
CA CYS E 145 -2.46 -6.81 15.24
C CYS E 145 -3.73 -7.57 15.44
N ASN E 146 -3.91 -8.66 14.68
CA ASN E 146 -4.93 -9.62 14.98
C ASN E 146 -4.57 -10.43 16.19
N SER E 147 -5.58 -10.95 16.91
CA SER E 147 -5.34 -11.87 18.04
C SER E 147 -4.55 -13.09 17.59
N SER E 148 -4.75 -13.49 16.35
CA SER E 148 -4.15 -14.71 15.81
C SER E 148 -2.71 -14.51 15.30
N CYS E 149 -2.20 -13.27 15.28
CA CYS E 149 -0.85 -12.97 14.76
C CYS E 149 0.26 -13.82 15.33
N MET E 150 0.86 -14.58 14.43
CA MET E 150 1.98 -15.48 14.76
C MET E 150 3.14 -14.60 15.18
N GLY E 151 3.76 -14.90 16.30
CA GLY E 151 4.92 -14.09 16.78
C GLY E 151 4.48 -12.88 17.60
N GLY E 152 3.17 -12.66 17.68
CA GLY E 152 2.63 -11.63 18.57
C GLY E 152 1.67 -12.30 19.53
N MET E 153 0.38 -11.99 19.44
CA MET E 153 -0.59 -12.54 20.42
C MET E 153 -0.78 -14.05 20.21
N ASN E 154 -0.55 -14.50 18.98
CA ASN E 154 -0.56 -15.94 18.64
C ASN E 154 -1.76 -16.69 19.20
N ARG E 155 -2.95 -16.09 19.03
CA ARG E 155 -4.24 -16.69 19.35
C ARG E 155 -4.49 -16.71 20.85
N ARG E 156 -3.70 -15.95 21.59
CA ARG E 156 -3.91 -15.77 23.03
C ARG E 156 -4.89 -14.63 23.31
N PRO E 157 -5.92 -14.87 24.10
CA PRO E 157 -6.84 -13.76 24.39
C PRO E 157 -6.14 -12.66 25.24
N ILE E 158 -6.60 -11.43 25.18
CA ILE E 158 -6.02 -10.41 26.05
C ILE E 158 -7.14 -9.65 26.72
N LEU E 159 -6.79 -8.81 27.68
CA LEU E 159 -7.71 -7.84 28.22
C LEU E 159 -7.14 -6.50 27.90
N THR E 160 -8.02 -5.53 27.65
CA THR E 160 -7.64 -4.15 27.77
C THR E 160 -8.05 -3.64 29.14
N ILE E 161 -7.10 -2.99 29.80
CA ILE E 161 -7.34 -2.35 31.08
C ILE E 161 -7.34 -0.83 30.85
N ILE E 162 -8.49 -0.17 31.12
CA ILE E 162 -8.58 1.28 31.02
C ILE E 162 -8.51 1.83 32.44
N THR E 163 -7.51 2.66 32.74
CA THR E 163 -7.35 3.24 34.06
C THR E 163 -7.55 4.72 33.97
N LEU E 164 -8.35 5.23 34.89
CA LEU E 164 -8.45 6.67 35.13
C LEU E 164 -7.41 7.02 36.21
N GLU E 165 -6.60 8.04 35.97
CA GLU E 165 -5.43 8.28 36.80
C GLU E 165 -5.33 9.77 37.09
N ASP E 166 -4.70 10.13 38.18
CA ASP E 166 -4.40 11.55 38.40
C ASP E 166 -3.04 11.78 37.71
N SER E 167 -2.58 13.04 37.71
CA SER E 167 -1.39 13.45 36.97
C SER E 167 -0.12 12.81 37.47
N SER E 168 -0.16 12.17 38.63
CA SER E 168 1.03 11.49 39.13
C SER E 168 1.02 10.02 38.65
N GLY E 169 -0.09 9.62 38.00
CA GLY E 169 -0.35 8.22 37.69
C GLY E 169 -1.01 7.41 38.80
N ASN E 170 -1.49 8.09 39.86
CA ASN E 170 -2.21 7.33 40.89
C ASN E 170 -3.55 6.97 40.35
N LEU E 171 -4.01 5.82 40.76
CA LEU E 171 -5.20 5.27 40.18
C LEU E 171 -6.40 5.94 40.81
N LEU E 172 -7.34 6.35 39.97
CA LEU E 172 -8.65 6.85 40.42
C LEU E 172 -9.79 5.92 40.10
N GLY E 173 -9.59 4.99 39.17
CA GLY E 173 -10.68 4.18 38.60
C GLY E 173 -10.14 3.20 37.58
N ARG E 174 -10.70 2.01 37.55
CA ARG E 174 -10.25 1.01 36.63
C ARG E 174 -11.40 0.19 36.04
N ASN E 175 -11.27 -0.11 34.76
CA ASN E 175 -12.17 -1.03 34.14
C ASN E 175 -11.44 -1.86 33.07
N SER E 176 -11.93 -3.05 32.83
CA SER E 176 -11.36 -3.89 31.82
C SER E 176 -12.39 -4.69 31.04
N PHE E 177 -11.95 -5.22 29.88
CA PHE E 177 -12.77 -5.99 28.98
C PHE E 177 -11.88 -6.85 28.14
N GLU E 178 -12.39 -7.99 27.71
CA GLU E 178 -11.63 -8.86 26.83
C GLU E 178 -11.65 -8.26 25.41
N VAL E 179 -10.58 -8.52 24.65
CA VAL E 179 -10.52 -8.18 23.23
C VAL E 179 -10.13 -9.35 22.31
N ARG E 180 -10.89 -9.45 21.22
CA ARG E 180 -10.45 -10.28 20.09
C ARG E 180 -10.36 -9.42 18.82
N VAL E 181 -9.15 -9.25 18.31
CA VAL E 181 -8.93 -8.60 17.05
C VAL E 181 -9.00 -9.70 15.97
N CYS E 182 -9.91 -9.54 15.00
CA CYS E 182 -10.12 -10.66 14.06
C CYS E 182 -10.62 -10.13 12.77
N ALA E 183 -10.68 -10.97 11.73
CA ALA E 183 -11.20 -10.48 10.42
C ALA E 183 -12.74 -10.29 10.41
N CYS E 184 -13.47 -11.15 11.13
CA CYS E 184 -14.96 -11.08 11.11
C CYS E 184 -15.55 -11.00 12.49
N PRO E 185 -15.53 -9.80 13.09
CA PRO E 185 -16.00 -9.63 14.49
C PRO E 185 -17.41 -10.16 14.72
N GLY E 186 -18.31 -9.92 13.75
CA GLY E 186 -19.73 -10.27 13.89
C GLY E 186 -19.87 -11.77 13.91
N ARG E 187 -19.23 -12.44 12.95
CA ARG E 187 -19.21 -13.90 12.95
C ARG E 187 -18.69 -14.46 14.27
N ASP E 188 -17.57 -13.91 14.74
CA ASP E 188 -16.85 -14.52 15.86
C ASP E 188 -17.58 -14.26 17.17
N ARG E 189 -18.17 -13.07 17.32
CA ARG E 189 -19.02 -12.81 18.54
C ARG E 189 -20.17 -13.81 18.59
N ARG E 190 -20.83 -13.99 17.44
CA ARG E 190 -21.89 -15.03 17.39
C ARG E 190 -21.38 -16.41 17.81
N THR E 191 -20.31 -16.88 17.18
CA THR E 191 -19.76 -18.19 17.50
C THR E 191 -19.48 -18.28 18.99
N GLU E 192 -18.81 -17.29 19.56
CA GLU E 192 -18.42 -17.39 20.93
C GLU E 192 -19.60 -17.34 21.92
N GLU E 193 -20.63 -16.57 21.61
CA GLU E 193 -21.81 -16.58 22.47
C GLU E 193 -22.65 -17.87 22.35
N GLU E 194 -22.75 -18.40 21.13
CA GLU E 194 -23.33 -19.73 20.93
C GLU E 194 -22.60 -20.75 21.74
N ASN E 195 -21.29 -20.58 21.92
CA ASN E 195 -20.54 -21.53 22.74
C ASN E 195 -20.76 -21.44 24.26
N LEU E 196 -21.54 -20.46 24.69
CA LEU E 196 -21.90 -20.33 26.10
C LEU E 196 -23.01 -21.30 26.46
N ARG E 197 -23.77 -21.71 25.43
CA ARG E 197 -24.97 -22.55 25.54
C ARG E 197 -24.74 -24.01 25.79
N LYS E 198 -25.61 -24.56 26.60
CA LYS E 198 -25.76 -26.00 26.70
C LYS E 198 -26.88 -26.43 25.72
N LYS E 199 -26.59 -27.47 24.93
CA LYS E 199 -27.65 -28.19 24.20
C LYS E 199 -28.49 -29.02 25.20
N SER F 1 15.85 -7.90 -6.49
CA SER F 1 16.56 -8.33 -7.76
C SER F 1 16.03 -7.65 -9.07
N SER F 2 16.82 -7.61 -10.14
CA SER F 2 16.39 -6.98 -11.42
C SER F 2 16.32 -7.98 -12.58
N SER F 3 16.61 -9.25 -12.23
CA SER F 3 16.59 -10.33 -13.20
C SER F 3 16.03 -11.63 -12.60
N VAL F 4 15.70 -12.56 -13.45
CA VAL F 4 15.20 -13.87 -12.99
C VAL F 4 16.05 -14.99 -13.57
N PRO F 5 16.23 -16.07 -12.80
CA PRO F 5 16.94 -17.22 -13.39
C PRO F 5 16.06 -18.09 -14.28
N SER F 6 16.73 -18.82 -15.14
CA SER F 6 16.12 -19.87 -15.92
C SER F 6 15.53 -21.00 -15.09
N GLN F 7 14.40 -21.52 -15.55
CA GLN F 7 13.84 -22.74 -14.99
C GLN F 7 13.85 -23.81 -16.04
N LYS F 8 14.53 -23.57 -17.15
CA LYS F 8 14.63 -24.52 -18.24
C LYS F 8 15.34 -25.82 -17.82
N THR F 9 14.62 -26.92 -17.88
CA THR F 9 15.21 -28.21 -17.61
C THR F 9 16.41 -28.44 -18.53
N TYR F 10 17.51 -28.87 -17.94
CA TYR F 10 18.73 -29.11 -18.66
C TYR F 10 19.40 -30.37 -18.08
N GLN F 11 19.22 -31.49 -18.76
CA GLN F 11 19.86 -32.74 -18.34
C GLN F 11 21.35 -32.65 -18.44
N GLY F 12 21.79 -31.97 -19.49
CA GLY F 12 23.22 -31.77 -19.72
C GLY F 12 23.93 -33.05 -20.07
N SER F 13 25.23 -32.98 -19.98
CA SER F 13 26.06 -34.05 -20.45
C SER F 13 26.18 -35.18 -19.40
N TYR F 14 25.55 -35.03 -18.23
CA TYR F 14 25.57 -36.15 -17.28
C TYR F 14 24.24 -36.82 -17.11
N GLY F 15 23.30 -36.49 -18.00
CA GLY F 15 21.90 -36.92 -17.89
C GLY F 15 21.27 -36.64 -16.52
N PHE F 16 21.25 -35.37 -16.10
CA PHE F 16 20.84 -34.96 -14.75
C PHE F 16 19.32 -34.87 -14.65
N ARG F 17 18.76 -35.53 -13.65
CA ARG F 17 17.34 -35.38 -13.42
C ARG F 17 17.03 -35.67 -11.98
N LEU F 18 15.80 -35.35 -11.59
CA LEU F 18 15.38 -35.42 -10.20
C LEU F 18 14.46 -36.59 -9.99
N GLY F 19 14.41 -37.07 -8.75
CA GLY F 19 13.47 -38.12 -8.40
C GLY F 19 12.90 -37.91 -7.01
N PHE F 20 11.69 -38.39 -6.79
CA PHE F 20 10.99 -38.07 -5.54
C PHE F 20 10.37 -39.36 -4.97
N LEU F 21 10.37 -39.47 -3.66
CA LEU F 21 9.67 -40.58 -3.03
C LEU F 21 8.16 -40.59 -3.40
N HIS F 22 7.58 -41.79 -3.52
CA HIS F 22 6.13 -41.95 -3.45
C HIS F 22 5.76 -41.90 -1.98
N SER F 23 4.89 -40.97 -1.63
CA SER F 23 4.46 -40.75 -0.25
C SER F 23 2.94 -40.73 -0.19
N GLY F 24 2.40 -40.71 1.02
CA GLY F 24 0.94 -40.69 1.19
C GLY F 24 0.21 -39.51 0.54
N THR F 25 -1.08 -39.46 0.80
CA THR F 25 -1.89 -38.30 0.48
C THR F 25 -2.81 -38.09 1.70
N ALA F 26 -2.42 -38.77 2.80
CA ALA F 26 -2.98 -38.59 4.13
C ALA F 26 -2.86 -37.11 4.48
N LYS F 27 -3.94 -36.56 5.04
CA LYS F 27 -4.11 -35.11 5.26
C LYS F 27 -2.85 -34.29 5.56
N SER F 28 -2.05 -34.74 6.52
CA SER F 28 -0.90 -34.00 7.06
C SER F 28 0.42 -34.81 7.07
N VAL F 29 0.61 -35.71 6.08
CA VAL F 29 1.89 -36.44 5.86
C VAL F 29 2.95 -35.37 5.69
N THR F 30 4.15 -35.58 6.20
CA THR F 30 5.11 -34.46 6.36
C THR F 30 5.71 -33.94 5.05
N CYS F 31 5.82 -34.80 4.04
CA CYS F 31 6.28 -34.39 2.70
C CYS F 31 5.75 -35.30 1.62
N THR F 32 4.99 -34.76 0.68
CA THR F 32 4.48 -35.55 -0.44
C THR F 32 4.59 -34.87 -1.81
N TYR F 33 5.05 -35.62 -2.81
CA TYR F 33 5.27 -35.08 -4.15
C TYR F 33 4.19 -35.53 -5.14
N SER F 34 3.72 -34.61 -5.97
CA SER F 34 2.67 -34.89 -6.97
C SER F 34 3.31 -34.89 -8.36
N PRO F 35 3.41 -36.10 -8.99
CA PRO F 35 3.92 -36.15 -10.37
C PRO F 35 3.05 -35.40 -11.37
N ALA F 36 1.74 -35.42 -11.22
CA ALA F 36 0.86 -34.66 -12.10
C ALA F 36 1.16 -33.16 -12.06
N LEU F 37 1.46 -32.62 -10.88
CA LEU F 37 1.72 -31.17 -10.81
C LEU F 37 3.20 -30.83 -10.79
N ASN F 38 4.03 -31.85 -10.60
CA ASN F 38 5.46 -31.66 -10.42
C ASN F 38 5.59 -30.71 -9.26
N LYS F 39 4.96 -31.06 -8.16
CA LYS F 39 4.85 -30.09 -7.07
C LYS F 39 5.00 -30.77 -5.74
N MET F 40 5.90 -30.25 -4.92
CA MET F 40 6.10 -30.80 -3.60
C MET F 40 5.21 -30.08 -2.61
N PHE F 41 4.57 -30.85 -1.73
CA PHE F 41 3.78 -30.33 -0.63
C PHE F 41 4.48 -30.83 0.62
N CYS F 42 4.76 -29.92 1.57
CA CYS F 42 5.53 -30.33 2.75
C CYS F 42 5.25 -29.44 3.88
N GLN F 43 5.58 -29.87 5.09
CA GLN F 43 5.40 -29.01 6.26
C GLN F 43 6.66 -28.23 6.53
N LEU F 44 6.54 -27.10 7.22
CA LEU F 44 7.69 -26.29 7.60
C LEU F 44 8.69 -27.16 8.40
N ALA F 45 9.99 -27.04 8.09
CA ALA F 45 11.07 -27.71 8.87
C ALA F 45 11.07 -29.22 8.81
N LYS F 46 10.24 -29.78 7.95
CA LYS F 46 10.26 -31.22 7.82
C LYS F 46 11.06 -31.64 6.61
N THR F 47 11.72 -32.78 6.75
CA THR F 47 12.52 -33.41 5.72
C THR F 47 11.87 -33.59 4.36
N CYS F 48 12.54 -33.05 3.34
CA CYS F 48 12.12 -33.17 1.95
C CYS F 48 13.20 -33.92 1.13
N PRO F 49 13.09 -35.24 1.00
CA PRO F 49 14.13 -35.92 0.30
C PRO F 49 14.02 -35.63 -1.19
N VAL F 50 15.12 -35.21 -1.80
CA VAL F 50 15.13 -35.03 -3.25
C VAL F 50 16.26 -35.90 -3.75
N GLN F 51 15.94 -36.76 -4.71
CA GLN F 51 16.92 -37.63 -5.34
C GLN F 51 17.57 -37.04 -6.61
N LEU F 52 18.89 -37.10 -6.67
CA LEU F 52 19.65 -36.73 -7.85
C LEU F 52 20.02 -37.99 -8.65
N TRP F 53 19.65 -38.00 -9.91
CA TRP F 53 19.99 -39.09 -10.78
C TRP F 53 20.86 -38.57 -11.90
N VAL F 54 22.00 -39.21 -12.11
CA VAL F 54 22.84 -38.92 -13.29
C VAL F 54 23.22 -40.20 -14.03
N ASP F 55 23.53 -40.07 -15.32
CA ASP F 55 23.91 -41.21 -16.20
C ASP F 55 25.39 -41.52 -16.10
N SER F 56 26.15 -40.50 -15.72
CA SER F 56 27.54 -40.71 -15.37
C SER F 56 27.92 -39.70 -14.31
N THR F 57 28.86 -40.09 -13.46
CA THR F 57 29.34 -39.23 -12.40
C THR F 57 30.05 -38.02 -12.97
N PRO F 58 29.70 -36.80 -12.51
CA PRO F 58 30.43 -35.59 -12.76
C PRO F 58 31.74 -35.53 -11.99
N PRO F 59 32.72 -34.74 -12.48
CA PRO F 59 34.03 -34.59 -11.84
C PRO F 59 33.98 -34.17 -10.35
N PRO F 60 35.04 -34.47 -9.58
CA PRO F 60 35.18 -33.88 -8.25
C PRO F 60 35.06 -32.36 -8.29
N GLY F 61 34.51 -31.80 -7.23
CA GLY F 61 34.39 -30.37 -7.13
C GLY F 61 33.06 -29.88 -7.66
N THR F 62 32.36 -30.73 -8.42
CA THR F 62 30.96 -30.51 -8.79
C THR F 62 30.07 -30.24 -7.58
N ARG F 63 29.16 -29.28 -7.74
CA ARG F 63 28.27 -28.89 -6.65
C ARG F 63 26.78 -28.96 -7.02
N VAL F 64 25.91 -29.09 -6.03
CA VAL F 64 24.46 -29.10 -6.22
C VAL F 64 23.85 -27.89 -5.52
N ARG F 65 23.23 -26.98 -6.27
CA ARG F 65 22.61 -25.79 -5.65
C ARG F 65 21.11 -25.82 -5.76
N ALA F 66 20.45 -25.36 -4.70
CA ALA F 66 18.99 -25.19 -4.67
C ALA F 66 18.67 -23.74 -4.42
N MET F 67 17.74 -23.20 -5.20
CA MET F 67 17.39 -21.81 -4.99
C MET F 67 15.87 -21.69 -5.16
N ALA F 68 15.25 -20.80 -4.41
CA ALA F 68 13.84 -20.55 -4.55
C ALA F 68 13.54 -19.27 -5.32
N ILE F 69 12.49 -19.30 -6.14
CA ILE F 69 12.00 -18.11 -6.84
C ILE F 69 10.48 -18.12 -6.88
N TYR F 70 9.84 -16.94 -6.93
CA TYR F 70 8.37 -16.91 -7.05
C TYR F 70 8.01 -17.43 -8.43
N LYS F 71 7.01 -18.31 -8.46
CA LYS F 71 6.42 -18.85 -9.70
C LYS F 71 5.76 -17.79 -10.61
N GLN F 72 5.02 -16.85 -10.00
CA GLN F 72 4.27 -15.85 -10.76
C GLN F 72 5.24 -14.78 -11.23
N SER F 73 5.16 -14.44 -12.51
CA SER F 73 6.10 -13.50 -13.10
C SER F 73 6.07 -12.14 -12.40
N GLN F 74 4.87 -11.72 -11.95
CA GLN F 74 4.69 -10.41 -11.34
C GLN F 74 5.41 -10.31 -9.99
N HIS F 75 5.82 -11.47 -9.45
CA HIS F 75 6.64 -11.51 -8.22
C HIS F 75 8.02 -12.07 -8.42
N MET F 76 8.34 -12.53 -9.62
CA MET F 76 9.57 -13.31 -9.86
C MET F 76 10.91 -12.58 -9.62
N THR F 77 10.88 -11.26 -9.74
CA THR F 77 12.08 -10.46 -9.52
C THR F 77 12.33 -10.28 -8.04
N GLU F 78 11.37 -10.70 -7.20
CA GLU F 78 11.53 -10.50 -5.78
C GLU F 78 12.23 -11.68 -5.13
N VAL F 79 13.23 -11.39 -4.29
CA VAL F 79 13.95 -12.40 -3.52
C VAL F 79 13.06 -13.20 -2.56
N VAL F 80 13.08 -14.53 -2.69
CA VAL F 80 12.35 -15.40 -1.75
C VAL F 80 13.13 -15.49 -0.41
N ARG F 81 12.52 -15.02 0.66
CA ARG F 81 13.19 -15.05 1.93
C ARG F 81 12.20 -15.42 3.05
N ARG F 82 12.71 -15.69 4.26
CA ARG F 82 11.84 -15.98 5.40
C ARG F 82 11.12 -14.71 5.86
N CYS F 83 9.94 -14.90 6.43
CA CYS F 83 9.14 -13.81 7.01
C CYS F 83 9.83 -13.23 8.29
N PRO F 84 9.44 -12.02 8.70
CA PRO F 84 10.00 -11.46 9.94
C PRO F 84 9.86 -12.32 11.19
N HIS F 85 8.72 -12.98 11.41
CA HIS F 85 8.67 -13.91 12.52
C HIS F 85 9.73 -15.04 12.53
N HIS F 86 9.79 -15.81 11.44
CA HIS F 86 10.63 -17.01 11.45
C HIS F 86 12.10 -16.68 11.35
N GLU F 87 12.43 -15.61 10.65
CA GLU F 87 13.79 -15.11 10.68
C GLU F 87 14.28 -14.84 12.12
N ARG F 88 13.34 -14.53 13.01
CA ARG F 88 13.71 -14.13 14.38
C ARG F 88 13.51 -15.26 15.39
N CYS F 89 13.14 -16.44 14.91
CA CYS F 89 12.98 -17.63 15.74
CA CYS F 89 13.00 -17.53 15.85
C CYS F 89 14.33 -18.23 16.00
N SER F 90 14.47 -18.98 17.07
CA SER F 90 15.79 -19.47 17.36
C SER F 90 15.87 -20.91 16.92
N ASP F 91 15.85 -21.10 15.59
CA ASP F 91 15.80 -22.42 15.00
C ASP F 91 16.98 -22.80 14.13
N SER F 92 18.12 -22.14 14.34
CA SER F 92 19.34 -22.51 13.62
C SER F 92 19.73 -23.98 13.78
N ASP F 93 20.26 -24.56 12.71
CA ASP F 93 20.73 -25.93 12.79
C ASP F 93 22.22 -25.94 13.13
N GLY F 94 22.74 -24.74 13.39
CA GLY F 94 24.17 -24.58 13.63
C GLY F 94 24.82 -23.84 12.50
N LEU F 95 24.36 -24.03 11.26
CA LEU F 95 25.00 -23.40 10.05
C LEU F 95 24.13 -22.45 9.23
N ALA F 96 22.85 -22.78 9.12
CA ALA F 96 21.95 -22.03 8.26
C ALA F 96 21.78 -20.66 8.88
N PRO F 97 21.92 -19.60 8.08
CA PRO F 97 21.54 -18.24 8.49
C PRO F 97 20.01 -18.13 8.61
N PRO F 98 19.52 -17.18 9.44
CA PRO F 98 18.11 -17.18 9.87
C PRO F 98 17.12 -16.71 8.78
N GLN F 99 17.62 -16.00 7.77
CA GLN F 99 16.83 -15.46 6.68
C GLN F 99 16.61 -16.43 5.48
N HIS F 100 17.45 -17.47 5.39
CA HIS F 100 17.38 -18.48 4.33
C HIS F 100 16.17 -19.44 4.40
N LEU F 101 15.37 -19.47 3.32
CA LEU F 101 14.17 -20.36 3.28
C LEU F 101 14.52 -21.85 3.21
N ILE F 102 15.48 -22.17 2.37
CA ILE F 102 15.87 -23.56 2.10
C ILE F 102 17.14 -23.88 2.87
N ARG F 103 17.06 -24.96 3.61
CA ARG F 103 18.21 -25.50 4.29
C ARG F 103 18.38 -26.90 3.76
N VAL F 104 19.62 -27.37 3.83
CA VAL F 104 19.94 -28.76 3.60
C VAL F 104 20.29 -29.26 4.99
N GLU F 105 19.78 -30.44 5.30
CA GLU F 105 20.06 -31.04 6.60
C GLU F 105 20.97 -32.25 6.44
N GLY F 106 21.72 -32.54 7.49
CA GLY F 106 22.49 -33.77 7.56
C GLY F 106 23.75 -33.80 6.71
N ASN F 107 24.22 -32.62 6.28
CA ASN F 107 25.42 -32.54 5.47
C ASN F 107 26.38 -31.46 6.00
N LEU F 108 27.52 -31.90 6.49
CA LEU F 108 28.50 -30.99 7.12
C LEU F 108 29.14 -29.98 6.16
N ARG F 109 29.05 -30.28 4.86
CA ARG F 109 29.78 -29.49 3.88
C ARG F 109 28.86 -28.51 3.18
N VAL F 110 27.69 -28.33 3.74
CA VAL F 110 26.68 -27.43 3.23
C VAL F 110 27.17 -25.98 3.29
N GLU F 111 26.78 -25.20 2.31
CA GLU F 111 27.11 -23.79 2.30
C GLU F 111 25.92 -22.97 1.89
N TYR F 112 25.83 -21.78 2.47
CA TYR F 112 24.74 -20.85 2.22
C TYR F 112 25.27 -19.59 1.54
N LEU F 113 24.61 -19.18 0.47
CA LEU F 113 25.12 -18.10 -0.33
C LEU F 113 24.12 -16.97 -0.52
N ASP F 114 24.65 -15.76 -0.43
CA ASP F 114 23.97 -14.53 -0.82
C ASP F 114 24.63 -13.99 -2.07
N ASP F 115 23.88 -13.92 -3.15
CA ASP F 115 24.42 -13.29 -4.29
C ASP F 115 24.53 -11.79 -4.05
N ARG F 116 25.67 -11.22 -4.46
CA ARG F 116 25.99 -9.81 -4.16
C ARG F 116 25.50 -8.88 -5.27
N ASN F 117 25.35 -9.44 -6.47
CA ASN F 117 24.55 -8.83 -7.54
C ASN F 117 23.01 -9.04 -7.37
N THR F 118 22.52 -10.29 -7.42
CA THR F 118 21.08 -10.57 -7.42
C THR F 118 20.41 -10.47 -6.07
N PHE F 119 21.18 -10.60 -4.99
CA PHE F 119 20.67 -10.70 -3.60
C PHE F 119 20.01 -12.05 -3.22
N ARG F 120 19.99 -12.99 -4.16
CA ARG F 120 19.27 -14.25 -3.99
C ARG F 120 19.95 -15.27 -3.07
N HIS F 121 19.16 -15.97 -2.25
CA HIS F 121 19.72 -17.02 -1.38
C HIS F 121 19.77 -18.30 -2.14
N SER F 122 20.79 -19.10 -1.83
CA SER F 122 20.86 -20.49 -2.29
C SER F 122 21.69 -21.24 -1.28
N VAL F 123 21.55 -22.56 -1.35
CA VAL F 123 22.23 -23.51 -0.49
C VAL F 123 22.80 -24.54 -1.45
N VAL F 124 24.03 -24.93 -1.17
CA VAL F 124 24.83 -25.69 -2.11
C VAL F 124 25.57 -26.73 -1.29
N VAL F 125 25.55 -27.98 -1.77
CA VAL F 125 26.36 -29.07 -1.19
C VAL F 125 27.24 -29.66 -2.30
N PRO F 126 28.39 -30.28 -1.93
CA PRO F 126 29.23 -30.98 -2.92
C PRO F 126 28.41 -32.15 -3.44
N TYR F 127 28.54 -32.49 -4.71
CA TYR F 127 27.81 -33.61 -5.29
C TYR F 127 28.51 -34.90 -4.86
N GLU F 128 27.74 -35.86 -4.37
CA GLU F 128 28.29 -37.17 -4.09
C GLU F 128 27.65 -38.23 -4.97
N PRO F 129 28.48 -39.20 -5.40
CA PRO F 129 27.98 -40.40 -6.04
C PRO F 129 26.97 -41.14 -5.15
N PRO F 130 26.03 -41.84 -5.77
CA PRO F 130 25.05 -42.62 -5.01
C PRO F 130 25.79 -43.69 -4.25
N GLU F 131 25.45 -43.87 -2.97
CA GLU F 131 26.03 -44.93 -2.15
C GLU F 131 26.00 -46.29 -2.86
N VAL F 132 26.94 -47.15 -2.47
CA VAL F 132 27.02 -48.52 -3.01
C VAL F 132 25.66 -49.22 -2.96
N GLY F 133 25.24 -49.74 -4.11
CA GLY F 133 23.93 -50.38 -4.22
C GLY F 133 22.76 -49.47 -4.58
N SER F 134 22.87 -48.19 -4.20
CA SER F 134 21.87 -47.18 -4.55
C SER F 134 22.08 -46.63 -5.97
N ASP F 135 21.01 -46.14 -6.60
CA ASP F 135 21.09 -45.62 -7.95
C ASP F 135 21.05 -44.10 -8.06
N CYS F 136 20.88 -43.42 -6.92
CA CYS F 136 20.73 -41.96 -6.91
C CYS F 136 21.28 -41.40 -5.62
N THR F 137 21.44 -40.08 -5.59
CA THR F 137 21.95 -39.37 -4.45
C THR F 137 20.77 -38.62 -3.81
N THR F 138 20.51 -38.89 -2.55
CA THR F 138 19.38 -38.25 -1.91
C THR F 138 19.95 -37.11 -1.11
N ILE F 139 19.37 -35.93 -1.26
CA ILE F 139 19.69 -34.75 -0.44
C ILE F 139 18.45 -34.49 0.42
N HIS F 140 18.64 -34.07 1.67
CA HIS F 140 17.50 -33.75 2.53
C HIS F 140 17.30 -32.25 2.70
N TYR F 141 16.30 -31.69 2.01
CA TYR F 141 15.98 -30.25 2.12
C TYR F 141 14.92 -30.03 3.19
N ASN F 142 14.88 -28.79 3.71
CA ASN F 142 13.85 -28.23 4.63
C ASN F 142 13.44 -26.88 4.10
N TYR F 143 12.21 -26.49 4.36
CA TYR F 143 11.72 -25.16 3.99
C TYR F 143 11.28 -24.57 5.28
N MET F 144 11.75 -23.35 5.53
CA MET F 144 11.68 -22.74 6.87
C MET F 144 10.59 -21.67 7.09
N CYS F 145 9.69 -21.51 6.10
CA CYS F 145 8.46 -20.75 6.25
C CYS F 145 7.34 -21.51 5.55
N ASN F 146 6.09 -21.34 6.00
CA ASN F 146 4.96 -21.79 5.17
C ASN F 146 4.81 -20.85 3.96
N SER F 147 4.23 -21.33 2.86
CA SER F 147 3.79 -20.46 1.74
C SER F 147 2.90 -19.29 2.16
N SER F 148 2.11 -19.50 3.21
CA SER F 148 1.19 -18.53 3.74
C SER F 148 1.83 -17.47 4.63
N CYS F 149 3.06 -17.69 5.08
CA CYS F 149 3.68 -16.76 6.04
C CYS F 149 3.56 -15.33 5.67
N MET F 150 3.05 -14.56 6.61
CA MET F 150 2.85 -13.15 6.43
C MET F 150 4.13 -12.37 6.49
N GLY F 151 4.31 -11.53 5.49
CA GLY F 151 5.51 -10.70 5.42
C GLY F 151 6.66 -11.44 4.78
N GLY F 152 6.35 -12.60 4.22
CA GLY F 152 7.30 -13.45 3.52
C GLY F 152 6.64 -13.91 2.24
N MET F 153 6.55 -15.21 2.04
CA MET F 153 5.99 -15.73 0.76
C MET F 153 4.54 -15.28 0.56
N ASN F 154 3.86 -15.04 1.67
CA ASN F 154 2.55 -14.38 1.68
C ASN F 154 1.57 -14.98 0.66
N ARG F 155 1.48 -16.31 0.67
CA ARG F 155 0.53 -17.09 -0.18
C ARG F 155 0.93 -17.18 -1.62
N ARG F 156 2.16 -16.79 -1.93
CA ARG F 156 2.63 -16.79 -3.31
C ARG F 156 3.39 -18.05 -3.52
N PRO F 157 3.02 -18.82 -4.54
CA PRO F 157 3.80 -20.08 -4.77
C PRO F 157 5.25 -19.87 -5.26
N ILE F 158 6.12 -20.81 -4.94
CA ILE F 158 7.50 -20.74 -5.34
C ILE F 158 7.89 -21.98 -6.14
N LEU F 159 8.97 -21.89 -6.88
CA LEU F 159 9.65 -23.03 -7.47
C LEU F 159 10.99 -23.14 -6.79
N THR F 160 11.45 -24.38 -6.66
CA THR F 160 12.82 -24.60 -6.23
C THR F 160 13.54 -25.08 -7.47
N ILE F 161 14.69 -24.48 -7.77
CA ILE F 161 15.47 -24.81 -8.94
C ILE F 161 16.73 -25.50 -8.45
N ILE F 162 16.93 -26.72 -8.93
CA ILE F 162 18.11 -27.44 -8.56
C ILE F 162 19.08 -27.44 -9.71
N THR F 163 20.27 -26.90 -9.45
CA THR F 163 21.32 -26.93 -10.48
C THR F 163 22.56 -27.75 -10.11
N LEU F 164 23.07 -28.43 -11.12
CA LEU F 164 24.34 -29.09 -11.02
C LEU F 164 25.37 -28.08 -11.58
N GLU F 165 26.46 -27.87 -10.86
CA GLU F 165 27.41 -26.84 -11.19
C GLU F 165 28.79 -27.36 -11.05
N ASP F 166 29.72 -26.84 -11.86
CA ASP F 166 31.14 -27.08 -11.64
C ASP F 166 31.64 -26.21 -10.48
N SER F 167 32.94 -26.31 -10.22
CA SER F 167 33.54 -25.60 -9.06
C SER F 167 33.57 -24.04 -9.17
N SER F 168 33.60 -23.52 -10.40
CA SER F 168 33.57 -22.08 -10.64
C SER F 168 32.13 -21.63 -10.74
N GLY F 169 31.23 -22.59 -10.81
CA GLY F 169 29.82 -22.29 -10.75
C GLY F 169 29.13 -22.23 -12.09
N ASN F 170 29.80 -22.70 -13.14
CA ASN F 170 29.13 -22.92 -14.46
C ASN F 170 28.17 -24.12 -14.45
N LEU F 171 27.12 -23.98 -15.25
CA LEU F 171 26.00 -24.88 -15.26
C LEU F 171 26.31 -26.19 -15.94
N LEU F 172 26.05 -27.29 -15.24
CA LEU F 172 26.10 -28.64 -15.78
C LEU F 172 24.74 -29.26 -16.03
N GLY F 173 23.72 -28.76 -15.34
CA GLY F 173 22.41 -29.39 -15.35
C GLY F 173 21.45 -28.65 -14.45
N ARG F 174 20.17 -28.80 -14.75
CA ARG F 174 19.12 -28.04 -14.05
C ARG F 174 17.81 -28.79 -14.10
N ASN F 175 17.15 -28.91 -12.96
CA ASN F 175 15.73 -29.26 -12.91
C ASN F 175 15.00 -28.36 -11.90
N SER F 176 13.67 -28.45 -11.88
CA SER F 176 12.91 -27.65 -10.95
C SER F 176 11.54 -28.28 -10.57
N PHE F 177 11.03 -27.86 -9.40
CA PHE F 177 9.71 -28.28 -8.94
C PHE F 177 9.06 -27.15 -8.18
N GLU F 178 7.73 -27.10 -8.21
CA GLU F 178 6.95 -26.15 -7.42
C GLU F 178 6.96 -26.70 -5.99
N VAL F 179 6.82 -25.78 -5.03
CA VAL F 179 6.70 -26.15 -3.64
C VAL F 179 5.53 -25.43 -3.01
N ARG F 180 4.72 -26.17 -2.25
CA ARG F 180 3.85 -25.50 -1.30
C ARG F 180 4.25 -25.96 0.07
N VAL F 181 4.58 -25.03 0.96
CA VAL F 181 4.88 -25.42 2.33
C VAL F 181 3.61 -25.06 3.11
N CYS F 182 2.95 -26.07 3.67
CA CYS F 182 1.65 -25.87 4.29
C CYS F 182 1.44 -26.82 5.45
N ALA F 183 0.36 -26.58 6.19
CA ALA F 183 -0.02 -27.38 7.36
C ALA F 183 -0.45 -28.81 7.01
N CYS F 184 -1.22 -28.94 5.93
CA CYS F 184 -1.86 -30.19 5.55
C CYS F 184 -1.53 -30.60 4.12
N PRO F 185 -0.30 -31.04 3.90
CA PRO F 185 0.27 -31.45 2.59
C PRO F 185 -0.57 -32.45 1.81
N GLY F 186 -0.96 -33.58 2.44
CA GLY F 186 -1.92 -34.51 1.81
C GLY F 186 -3.25 -33.89 1.36
N ARG F 187 -3.98 -33.23 2.27
CA ARG F 187 -5.16 -32.43 1.91
C ARG F 187 -4.91 -31.47 0.74
N ASP F 188 -3.94 -30.56 0.90
CA ASP F 188 -3.63 -29.61 -0.18
C ASP F 188 -3.21 -30.31 -1.49
N ARG F 189 -2.39 -31.35 -1.43
CA ARG F 189 -2.08 -32.06 -2.68
C ARG F 189 -3.33 -32.50 -3.49
N ARG F 190 -4.30 -33.10 -2.79
CA ARG F 190 -5.55 -33.61 -3.36
C ARG F 190 -6.46 -32.50 -3.87
N THR F 191 -6.62 -31.45 -3.06
CA THR F 191 -7.34 -30.28 -3.52
C THR F 191 -6.79 -29.82 -4.87
N GLU F 192 -5.47 -29.66 -4.96
CA GLU F 192 -4.89 -29.12 -6.19
C GLU F 192 -4.95 -30.10 -7.37
N GLU F 193 -4.80 -31.39 -7.11
CA GLU F 193 -4.94 -32.37 -8.15
C GLU F 193 -6.42 -32.41 -8.63
N GLU F 194 -7.37 -32.30 -7.69
CA GLU F 194 -8.78 -32.23 -8.03
C GLU F 194 -9.04 -31.06 -8.94
N ASN F 195 -8.47 -29.91 -8.60
CA ASN F 195 -8.69 -28.69 -9.39
C ASN F 195 -8.28 -28.81 -10.83
N LEU F 196 -7.19 -29.55 -11.08
CA LEU F 196 -6.72 -29.88 -12.42
C LEU F 196 -7.83 -30.38 -13.33
N ARG F 197 -8.72 -31.16 -12.72
CA ARG F 197 -9.72 -31.97 -13.39
C ARG F 197 -11.08 -31.28 -13.28
N LYS F 198 -11.12 -30.00 -13.66
CA LYS F 198 -12.32 -29.18 -13.51
C LYS F 198 -12.33 -28.10 -14.62
N LYS F 199 -13.52 -27.57 -14.91
N SER G 3 0.86 9.76 -37.73
CA SER G 3 -0.24 8.83 -38.14
C SER G 3 -1.11 8.23 -36.99
N VAL G 4 -1.99 7.29 -37.40
CA VAL G 4 -2.95 6.65 -36.50
C VAL G 4 -3.06 5.14 -36.86
N PRO G 5 -2.75 4.27 -35.88
CA PRO G 5 -2.89 2.81 -36.13
C PRO G 5 -4.34 2.42 -36.48
N SER G 6 -4.48 1.43 -37.35
CA SER G 6 -5.80 1.04 -37.81
C SER G 6 -6.58 0.41 -36.66
N GLN G 7 -7.87 0.71 -36.55
CA GLN G 7 -8.78 0.02 -35.66
C GLN G 7 -9.77 -0.87 -36.42
N LYS G 8 -9.47 -1.19 -37.67
CA LYS G 8 -10.45 -1.98 -38.47
C LYS G 8 -10.50 -3.43 -38.01
N THR G 9 -11.67 -3.87 -37.61
CA THR G 9 -11.88 -5.25 -37.28
C THR G 9 -11.48 -6.11 -38.49
N TYR G 10 -10.66 -7.13 -38.22
CA TYR G 10 -10.17 -8.06 -39.22
C TYR G 10 -10.11 -9.42 -38.56
N GLN G 11 -11.05 -10.30 -38.89
CA GLN G 11 -11.00 -11.65 -38.30
C GLN G 11 -9.95 -12.54 -38.93
N GLY G 12 -9.70 -12.35 -40.23
CA GLY G 12 -8.58 -13.04 -40.87
C GLY G 12 -8.82 -14.53 -40.95
N SER G 13 -7.77 -15.24 -41.38
CA SER G 13 -7.82 -16.67 -41.64
C SER G 13 -8.02 -17.53 -40.41
N TYR G 14 -7.72 -17.00 -39.22
CA TYR G 14 -7.92 -17.82 -38.03
C TYR G 14 -9.27 -17.54 -37.38
N GLY G 15 -10.08 -16.68 -38.01
CA GLY G 15 -11.37 -16.29 -37.45
C GLY G 15 -11.20 -15.71 -36.03
N PHE G 16 -10.30 -14.74 -35.89
CA PHE G 16 -9.91 -14.19 -34.58
C PHE G 16 -10.99 -13.26 -34.01
N ARG G 17 -11.51 -13.60 -32.84
CA ARG G 17 -12.50 -12.74 -32.14
C ARG G 17 -12.02 -12.49 -30.68
N LEU G 18 -12.58 -11.47 -30.03
CA LEU G 18 -12.39 -11.23 -28.60
C LEU G 18 -13.59 -11.72 -27.83
N GLY G 19 -13.36 -12.14 -26.59
CA GLY G 19 -14.38 -12.54 -25.63
C GLY G 19 -14.12 -11.87 -24.29
N PHE G 20 -15.20 -11.62 -23.54
CA PHE G 20 -15.11 -10.96 -22.23
C PHE G 20 -15.92 -11.72 -21.18
N LEU G 21 -15.55 -11.54 -19.90
CA LEU G 21 -16.35 -12.04 -18.79
C LEU G 21 -17.51 -11.09 -18.54
N HIS G 22 -18.68 -11.67 -18.34
CA HIS G 22 -19.93 -10.94 -18.17
C HIS G 22 -20.16 -10.83 -16.68
N SER G 23 -19.70 -9.75 -16.08
CA SER G 23 -19.58 -9.82 -14.62
C SER G 23 -20.59 -8.89 -13.88
N GLY G 24 -21.53 -8.33 -14.64
CA GLY G 24 -22.60 -7.54 -14.06
C GLY G 24 -22.16 -6.12 -13.77
N THR G 25 -23.00 -5.43 -12.98
CA THR G 25 -22.79 -4.02 -12.74
C THR G 25 -22.76 -3.60 -11.28
N ALA G 26 -22.34 -4.48 -10.38
CA ALA G 26 -22.15 -4.00 -9.02
C ALA G 26 -21.23 -2.82 -9.10
N LYS G 27 -21.51 -1.79 -8.27
CA LYS G 27 -20.86 -0.49 -8.32
C LYS G 27 -19.35 -0.56 -8.54
N SER G 28 -18.69 -1.37 -7.73
CA SER G 28 -17.24 -1.46 -7.72
C SER G 28 -16.72 -2.77 -8.24
N VAL G 29 -17.42 -3.40 -9.18
CA VAL G 29 -16.91 -4.66 -9.74
C VAL G 29 -15.53 -4.35 -10.40
N THR G 30 -14.58 -5.29 -10.41
CA THR G 30 -13.19 -4.96 -10.78
C THR G 30 -13.06 -4.60 -12.23
N CYS G 31 -13.80 -5.35 -13.06
CA CYS G 31 -13.77 -5.24 -14.52
C CYS G 31 -15.14 -5.74 -14.98
N THR G 32 -15.81 -5.02 -15.85
CA THR G 32 -17.03 -5.48 -16.49
C THR G 32 -17.02 -5.04 -17.94
N TYR G 33 -17.75 -5.75 -18.77
CA TYR G 33 -17.79 -5.41 -20.16
C TYR G 33 -19.24 -5.11 -20.59
N SER G 34 -19.39 -4.06 -21.40
CA SER G 34 -20.72 -3.64 -21.88
C SER G 34 -20.89 -3.91 -23.37
N PRO G 35 -21.63 -4.97 -23.75
CA PRO G 35 -21.97 -5.31 -25.16
C PRO G 35 -22.64 -4.18 -25.93
N ALA G 36 -23.54 -3.43 -25.27
CA ALA G 36 -24.23 -2.30 -25.88
C ALA G 36 -23.20 -1.35 -26.42
N LEU G 37 -22.16 -1.10 -25.63
CA LEU G 37 -21.17 -0.09 -25.96
C LEU G 37 -19.88 -0.66 -26.54
N ASN G 38 -19.75 -2.00 -26.60
CA ASN G 38 -18.47 -2.65 -26.81
C ASN G 38 -17.34 -1.97 -26.04
N LYS G 39 -17.52 -1.84 -24.72
CA LYS G 39 -16.63 -1.07 -23.86
C LYS G 39 -16.32 -1.78 -22.55
N MET G 40 -15.04 -1.87 -22.24
CA MET G 40 -14.59 -2.37 -20.96
C MET G 40 -14.55 -1.27 -19.95
N PHE G 41 -15.02 -1.55 -18.73
CA PHE G 41 -14.96 -0.62 -17.59
C PHE G 41 -14.15 -1.34 -16.52
N CYS G 42 -13.07 -0.75 -16.08
CA CYS G 42 -12.21 -1.46 -15.15
C CYS G 42 -11.50 -0.49 -14.23
N GLN G 43 -10.98 -1.08 -13.17
CA GLN G 43 -10.21 -0.41 -12.18
C GLN G 43 -8.72 -0.35 -12.51
N LEU G 44 -8.12 0.78 -12.16
CA LEU G 44 -6.69 1.02 -12.28
C LEU G 44 -5.93 -0.13 -11.66
N ALA G 45 -5.00 -0.70 -12.42
CA ALA G 45 -4.03 -1.72 -11.95
C ALA G 45 -4.60 -3.07 -11.60
N LYS G 46 -5.88 -3.30 -11.89
CA LYS G 46 -6.49 -4.56 -11.54
C LYS G 46 -6.57 -5.49 -12.77
N THR G 47 -6.82 -6.77 -12.53
CA THR G 47 -6.92 -7.76 -13.60
C THR G 47 -8.08 -7.49 -14.53
N CYS G 48 -7.76 -7.42 -15.82
CA CYS G 48 -8.76 -7.28 -16.88
C CYS G 48 -8.64 -8.43 -17.88
N PRO G 49 -9.47 -9.47 -17.75
CA PRO G 49 -9.26 -10.59 -18.67
C PRO G 49 -9.78 -10.23 -20.04
N VAL G 50 -9.02 -10.55 -21.08
CA VAL G 50 -9.49 -10.52 -22.44
C VAL G 50 -9.26 -11.91 -23.02
N GLN G 51 -10.30 -12.48 -23.66
CA GLN G 51 -10.25 -13.81 -24.25
C GLN G 51 -9.99 -13.72 -25.72
N LEU G 52 -9.16 -14.62 -26.24
CA LEU G 52 -8.84 -14.69 -27.65
C LEU G 52 -9.50 -15.97 -28.13
N TRP G 53 -10.39 -15.81 -29.11
CA TRP G 53 -11.13 -16.90 -29.66
C TRP G 53 -10.69 -17.02 -31.11
N VAL G 54 -10.24 -18.22 -31.52
CA VAL G 54 -9.96 -18.50 -32.94
C VAL G 54 -10.70 -19.74 -33.49
N ASP G 55 -11.03 -19.74 -34.77
CA ASP G 55 -11.65 -20.92 -35.38
C ASP G 55 -10.63 -21.93 -35.83
N SER G 56 -9.41 -21.50 -36.13
CA SER G 56 -8.29 -22.43 -36.28
C SER G 56 -7.02 -21.90 -35.59
N THR G 57 -6.18 -22.82 -35.11
CA THR G 57 -4.96 -22.46 -34.39
C THR G 57 -3.85 -21.74 -35.25
N PRO G 58 -3.45 -20.51 -34.84
CA PRO G 58 -2.37 -19.78 -35.52
C PRO G 58 -1.03 -20.50 -35.41
N PRO G 59 -0.16 -20.30 -36.42
CA PRO G 59 1.10 -21.02 -36.43
C PRO G 59 1.95 -20.63 -35.22
N PRO G 60 2.82 -21.53 -34.76
CA PRO G 60 3.68 -21.10 -33.64
C PRO G 60 4.57 -19.89 -33.97
N GLY G 61 5.00 -19.20 -32.93
CA GLY G 61 5.56 -17.84 -33.15
C GLY G 61 4.56 -16.72 -33.36
N THR G 62 3.27 -17.01 -33.42
CA THR G 62 2.25 -15.95 -33.45
C THR G 62 2.31 -15.10 -32.18
N ARG G 63 2.07 -13.79 -32.30
CA ARG G 63 2.12 -12.82 -31.17
C ARG G 63 0.84 -12.03 -31.10
N VAL G 64 0.55 -11.52 -29.90
CA VAL G 64 -0.65 -10.75 -29.58
C VAL G 64 -0.25 -9.41 -29.00
N ARG G 65 -0.59 -8.34 -29.73
CA ARG G 65 -0.19 -7.01 -29.34
C ARG G 65 -1.43 -6.27 -28.88
N ALA G 66 -1.29 -5.47 -27.83
CA ALA G 66 -2.31 -4.49 -27.43
C ALA G 66 -1.71 -3.08 -27.42
N MET G 67 -2.54 -2.13 -27.81
CA MET G 67 -2.16 -0.74 -27.98
C MET G 67 -3.40 0.11 -27.79
N ALA G 68 -3.24 1.20 -27.05
CA ALA G 68 -4.33 2.16 -26.82
C ALA G 68 -4.19 3.34 -27.80
N ILE G 69 -5.32 3.83 -28.26
CA ILE G 69 -5.32 5.10 -29.00
C ILE G 69 -6.54 5.87 -28.50
N TYR G 70 -6.51 7.21 -28.61
CA TYR G 70 -7.65 8.02 -28.22
C TYR G 70 -8.73 7.77 -29.27
N LYS G 71 -9.95 7.58 -28.83
CA LYS G 71 -11.05 7.30 -29.73
C LYS G 71 -11.49 8.57 -30.54
N GLN G 72 -11.53 9.74 -29.89
CA GLN G 72 -12.07 10.93 -30.59
C GLN G 72 -11.13 11.41 -31.67
N SER G 73 -11.63 11.68 -32.88
CA SER G 73 -10.77 12.14 -33.98
C SER G 73 -9.81 13.26 -33.67
N GLN G 74 -10.23 14.27 -32.91
CA GLN G 74 -9.33 15.39 -32.65
C GLN G 74 -8.14 14.97 -31.74
N HIS G 75 -8.24 13.81 -31.08
CA HIS G 75 -7.13 13.33 -30.23
C HIS G 75 -6.35 12.14 -30.73
N MET G 76 -6.82 11.53 -31.82
CA MET G 76 -6.24 10.32 -32.35
C MET G 76 -4.76 10.33 -32.57
N THR G 77 -4.19 11.48 -32.94
CA THR G 77 -2.73 11.58 -33.19
C THR G 77 -1.87 11.67 -31.93
N GLU G 78 -2.52 11.87 -30.78
CA GLU G 78 -1.81 12.02 -29.53
C GLU G 78 -1.54 10.64 -28.99
N VAL G 79 -0.29 10.38 -28.59
CA VAL G 79 0.10 9.08 -28.00
C VAL G 79 -0.54 8.97 -26.60
N VAL G 80 -1.14 7.82 -26.34
CA VAL G 80 -1.79 7.54 -25.06
C VAL G 80 -0.68 7.10 -24.13
N ARG G 81 -0.48 7.87 -23.06
CA ARG G 81 0.51 7.49 -22.04
C ARG G 81 0.01 7.67 -20.61
N ARG G 82 0.68 7.06 -19.63
CA ARG G 82 0.31 7.35 -18.24
C ARG G 82 0.60 8.83 -17.92
N CYS G 83 -0.14 9.37 -16.94
CA CYS G 83 -0.03 10.76 -16.54
C CYS G 83 1.27 10.94 -15.71
N PRO G 84 1.72 12.20 -15.53
CA PRO G 84 2.97 12.51 -14.80
C PRO G 84 3.01 11.98 -13.38
N HIS G 85 1.87 11.89 -12.72
CA HIS G 85 1.86 11.34 -11.39
C HIS G 85 2.08 9.81 -11.40
N HIS G 86 1.24 9.11 -12.14
CA HIS G 86 1.36 7.66 -12.11
C HIS G 86 2.60 7.14 -12.75
N GLU G 87 3.17 7.86 -13.73
CA GLU G 87 4.42 7.37 -14.34
C GLU G 87 5.56 7.37 -13.31
N ARG G 88 5.37 8.13 -12.23
CA ARG G 88 6.37 8.34 -11.19
C ARG G 88 6.16 7.49 -9.98
N CYS G 89 5.09 6.71 -9.95
CA CYS G 89 4.66 5.96 -8.77
CA CYS G 89 4.78 6.04 -8.71
C CYS G 89 5.50 4.69 -8.59
N SER G 90 5.51 4.13 -7.40
CA SER G 90 6.32 2.96 -7.20
C SER G 90 5.54 1.66 -7.44
N ASP G 91 5.13 1.45 -8.69
CA ASP G 91 4.28 0.32 -8.98
C ASP G 91 4.81 -0.57 -10.10
N SER G 92 6.11 -0.50 -10.33
CA SER G 92 6.70 -1.42 -11.31
C SER G 92 6.44 -2.87 -10.90
N ASP G 93 6.15 -3.73 -11.88
CA ASP G 93 6.13 -5.17 -11.67
C ASP G 93 7.48 -5.80 -12.02
N GLY G 94 8.50 -4.94 -12.21
CA GLY G 94 9.83 -5.34 -12.64
C GLY G 94 9.93 -5.76 -14.10
N LEU G 95 8.84 -5.66 -14.86
CA LEU G 95 8.90 -6.02 -16.28
C LEU G 95 8.45 -4.91 -17.20
N ALA G 96 7.53 -4.08 -16.74
CA ALA G 96 6.93 -3.07 -17.59
C ALA G 96 7.56 -1.69 -17.46
N PRO G 97 7.57 -0.92 -18.55
CA PRO G 97 8.02 0.47 -18.52
C PRO G 97 7.07 1.30 -17.66
N PRO G 98 7.62 2.23 -16.84
CA PRO G 98 6.81 3.10 -15.93
C PRO G 98 5.75 3.92 -16.60
N GLN G 99 5.95 4.27 -17.87
CA GLN G 99 5.00 5.14 -18.54
C GLN G 99 3.95 4.44 -19.41
N HIS G 100 4.12 3.14 -19.72
CA HIS G 100 3.07 2.38 -20.45
C HIS G 100 1.73 2.21 -19.69
N LEU G 101 0.63 2.54 -20.36
CA LEU G 101 -0.70 2.41 -19.78
C LEU G 101 -1.11 0.97 -19.60
N ILE G 102 -0.89 0.16 -20.64
CA ILE G 102 -1.34 -1.21 -20.66
C ILE G 102 -0.19 -2.16 -20.33
N ARG G 103 -0.36 -2.97 -19.30
CA ARG G 103 0.58 -4.01 -19.01
C ARG G 103 -0.13 -5.37 -19.25
N VAL G 104 0.64 -6.43 -19.40
CA VAL G 104 0.14 -7.79 -19.25
C VAL G 104 0.71 -8.34 -17.94
N GLU G 105 -0.16 -8.95 -17.14
CA GLU G 105 0.31 -9.59 -15.93
C GLU G 105 0.31 -11.08 -16.12
N GLY G 106 1.23 -11.75 -15.46
CA GLY G 106 1.24 -13.20 -15.37
C GLY G 106 1.95 -13.83 -16.54
N ASN G 107 2.65 -13.04 -17.35
CA ASN G 107 3.37 -13.64 -18.49
C ASN G 107 4.82 -13.15 -18.55
N LEU G 108 5.76 -14.01 -18.16
CA LEU G 108 7.17 -13.66 -18.18
C LEU G 108 7.68 -13.29 -19.60
N ARG G 109 7.04 -13.83 -20.63
CA ARG G 109 7.45 -13.55 -22.04
C ARG G 109 6.88 -12.22 -22.59
N VAL G 110 6.28 -11.43 -21.72
CA VAL G 110 5.75 -10.14 -22.15
C VAL G 110 6.87 -9.31 -22.71
N GLU G 111 6.53 -8.48 -23.71
CA GLU G 111 7.51 -7.62 -24.38
C GLU G 111 6.85 -6.30 -24.58
N TYR G 112 7.48 -5.23 -24.14
CA TYR G 112 6.95 -3.89 -24.35
C TYR G 112 7.69 -3.19 -25.47
N LEU G 113 6.99 -2.33 -26.18
CA LEU G 113 7.60 -1.54 -27.26
C LEU G 113 7.29 -0.05 -27.15
N ASP G 114 8.33 0.81 -27.26
CA ASP G 114 8.19 2.24 -27.57
C ASP G 114 8.53 2.37 -29.03
N ASP G 115 7.53 2.62 -29.87
CA ASP G 115 7.77 2.61 -31.30
C ASP G 115 8.76 3.71 -31.65
N ARG G 116 9.79 3.40 -32.43
CA ARG G 116 10.81 4.44 -32.60
C ARG G 116 10.38 5.50 -33.56
N ASN G 117 9.35 5.25 -34.33
CA ASN G 117 8.92 6.23 -35.36
C ASN G 117 7.63 6.90 -34.93
N THR G 118 6.69 6.14 -34.34
CA THR G 118 5.42 6.72 -33.90
C THR G 118 5.40 7.19 -32.47
N PHE G 119 6.35 6.69 -31.68
CA PHE G 119 6.41 6.92 -30.23
C PHE G 119 5.31 6.20 -29.46
N ARG G 120 4.57 5.35 -30.15
CA ARG G 120 3.46 4.72 -29.49
C ARG G 120 3.90 3.54 -28.65
N HIS G 121 3.25 3.37 -27.49
CA HIS G 121 3.52 2.18 -26.61
C HIS G 121 2.65 1.02 -26.99
N SER G 122 3.23 -0.19 -26.92
CA SER G 122 2.40 -1.38 -26.95
C SER G 122 2.95 -2.50 -26.12
N VAL G 123 2.12 -3.51 -25.93
CA VAL G 123 2.52 -4.66 -25.15
C VAL G 123 2.25 -5.92 -25.91
N VAL G 124 3.28 -6.75 -26.05
CA VAL G 124 3.11 -8.00 -26.80
C VAL G 124 3.43 -9.27 -26.01
N VAL G 125 2.59 -10.29 -26.18
CA VAL G 125 2.86 -11.61 -25.64
C VAL G 125 2.79 -12.61 -26.80
N PRO G 126 3.51 -13.74 -26.69
CA PRO G 126 3.29 -14.85 -27.63
C PRO G 126 1.89 -15.46 -27.48
N TYR G 127 1.29 -15.76 -28.63
CA TYR G 127 0.08 -16.56 -28.67
C TYR G 127 0.31 -18.01 -28.20
N GLU G 128 -0.51 -18.46 -27.25
CA GLU G 128 -0.58 -19.87 -26.83
C GLU G 128 -2.01 -20.35 -27.01
N PRO G 129 -2.19 -21.58 -27.53
CA PRO G 129 -3.57 -22.01 -27.66
C PRO G 129 -4.25 -22.27 -26.29
N PRO G 130 -5.60 -22.43 -26.27
CA PRO G 130 -6.29 -22.67 -24.99
C PRO G 130 -5.70 -23.84 -24.18
N GLU G 131 -5.81 -23.78 -22.85
CA GLU G 131 -5.48 -24.98 -22.05
C GLU G 131 -6.39 -26.14 -22.49
N VAL G 132 -6.05 -27.38 -22.16
CA VAL G 132 -6.98 -28.47 -22.52
C VAL G 132 -8.32 -28.27 -21.82
N GLY G 133 -9.40 -28.61 -22.54
CA GLY G 133 -10.77 -28.27 -22.10
C GLY G 133 -11.30 -26.84 -22.34
N SER G 134 -10.39 -25.86 -22.43
CA SER G 134 -10.76 -24.46 -22.63
C SER G 134 -10.98 -24.19 -24.13
N ASP G 135 -11.86 -23.24 -24.46
CA ASP G 135 -12.08 -22.90 -25.87
C ASP G 135 -11.40 -21.56 -26.26
N CYS G 136 -10.78 -20.87 -25.31
CA CYS G 136 -10.23 -19.56 -25.62
C CYS G 136 -8.95 -19.32 -24.80
N THR G 137 -8.14 -18.36 -25.27
CA THR G 137 -6.93 -17.98 -24.57
C THR G 137 -7.20 -16.66 -23.85
N THR G 138 -6.97 -16.67 -22.54
CA THR G 138 -7.11 -15.49 -21.73
C THR G 138 -5.77 -14.74 -21.48
N ILE G 139 -5.75 -13.47 -21.82
CA ILE G 139 -4.69 -12.54 -21.40
C ILE G 139 -5.25 -11.63 -20.31
N HIS G 140 -4.43 -11.38 -19.27
CA HIS G 140 -4.80 -10.50 -18.19
C HIS G 140 -4.08 -9.21 -18.36
N TYR G 141 -4.85 -8.19 -18.76
CA TYR G 141 -4.31 -6.86 -18.89
C TYR G 141 -4.50 -6.06 -17.60
N ASN G 142 -3.64 -5.05 -17.37
CA ASN G 142 -3.85 -4.04 -16.34
C ASN G 142 -3.71 -2.69 -17.07
N TYR G 143 -4.55 -1.71 -16.68
CA TYR G 143 -4.51 -0.34 -17.17
C TYR G 143 -4.05 0.49 -16.00
N MET G 144 -3.03 1.30 -16.21
CA MET G 144 -2.24 1.84 -15.07
C MET G 144 -2.50 3.33 -14.75
N CYS G 145 -3.54 3.89 -15.39
CA CYS G 145 -4.12 5.20 -15.07
C CYS G 145 -5.62 5.07 -15.20
N ASN G 146 -6.35 5.88 -14.44
CA ASN G 146 -7.76 6.18 -14.69
C ASN G 146 -8.00 7.02 -15.93
N SER G 147 -9.12 6.81 -16.59
CA SER G 147 -9.45 7.67 -17.75
C SER G 147 -9.42 9.16 -17.35
N SER G 148 -9.80 9.45 -16.12
CA SER G 148 -9.76 10.82 -15.57
C SER G 148 -8.39 11.46 -15.34
N CYS G 149 -7.30 10.68 -15.36
CA CYS G 149 -6.02 11.25 -14.95
C CYS G 149 -5.69 12.54 -15.71
N MET G 150 -5.71 13.60 -14.93
CA MET G 150 -5.21 14.91 -15.31
C MET G 150 -3.79 14.80 -15.91
N GLY G 151 -3.59 15.38 -17.09
CA GLY G 151 -2.30 15.28 -17.79
C GLY G 151 -1.97 13.90 -18.36
N GLY G 152 -2.92 12.99 -18.26
CA GLY G 152 -2.80 11.72 -18.99
C GLY G 152 -4.02 11.64 -19.89
N MET G 153 -4.85 10.60 -19.73
CA MET G 153 -5.99 10.49 -20.64
C MET G 153 -6.95 11.67 -20.43
N ASN G 154 -6.93 12.26 -19.24
CA ASN G 154 -7.69 13.49 -18.93
C ASN G 154 -9.14 13.44 -19.39
N ARG G 155 -9.89 12.47 -18.88
CA ARG G 155 -11.30 12.17 -19.23
C ARG G 155 -11.63 11.82 -20.72
N ARG G 156 -10.61 11.55 -21.54
CA ARG G 156 -10.82 11.17 -22.94
C ARG G 156 -10.90 9.69 -23.09
N PRO G 157 -11.94 9.17 -23.75
CA PRO G 157 -12.06 7.71 -24.05
C PRO G 157 -10.96 7.22 -24.98
N ILE G 158 -10.56 5.97 -24.77
CA ILE G 158 -9.58 5.35 -25.58
C ILE G 158 -10.17 4.05 -26.06
N LEU G 159 -9.55 3.51 -27.11
CA LEU G 159 -9.76 2.16 -27.59
C LEU G 159 -8.51 1.36 -27.34
N THR G 160 -8.70 0.09 -26.96
CA THR G 160 -7.59 -0.83 -26.98
C THR G 160 -7.72 -1.59 -28.25
N ILE G 161 -6.63 -1.59 -29.06
CA ILE G 161 -6.54 -2.41 -30.29
C ILE G 161 -5.73 -3.68 -30.02
N ILE G 162 -6.33 -4.85 -30.24
CA ILE G 162 -5.66 -6.14 -30.08
C ILE G 162 -5.32 -6.70 -31.47
N THR G 163 -4.04 -6.94 -31.70
CA THR G 163 -3.58 -7.37 -33.02
C THR G 163 -2.96 -8.72 -32.87
N LEU G 164 -3.36 -9.62 -33.74
CA LEU G 164 -2.67 -10.88 -33.85
C LEU G 164 -1.62 -10.72 -34.97
N GLU G 165 -0.38 -11.11 -34.67
CA GLU G 165 0.76 -10.87 -35.58
C GLU G 165 1.58 -12.11 -35.80
N ASP G 166 2.28 -12.19 -36.93
CA ASP G 166 3.20 -13.28 -37.10
C ASP G 166 4.48 -12.90 -36.37
N SER G 167 5.47 -13.79 -36.38
CA SER G 167 6.67 -13.60 -35.58
C SER G 167 7.48 -12.36 -36.00
N SER G 168 7.24 -11.85 -37.21
CA SER G 168 7.90 -10.62 -37.72
C SER G 168 6.98 -9.39 -37.64
N GLY G 169 5.76 -9.55 -37.15
CA GLY G 169 4.90 -8.38 -37.05
C GLY G 169 3.90 -8.21 -38.19
N ASN G 170 3.82 -9.18 -39.11
CA ASN G 170 2.77 -9.05 -40.15
C ASN G 170 1.38 -9.30 -39.51
N LEU G 171 0.38 -8.59 -39.98
CA LEU G 171 -0.96 -8.61 -39.43
C LEU G 171 -1.67 -9.93 -39.75
N LEU G 172 -2.22 -10.59 -38.74
CA LEU G 172 -3.07 -11.77 -38.99
C LEU G 172 -4.52 -11.57 -38.55
N GLY G 173 -4.79 -10.59 -37.70
CA GLY G 173 -6.11 -10.43 -37.09
C GLY G 173 -6.13 -9.12 -36.31
N ARG G 174 -7.29 -8.48 -36.17
CA ARG G 174 -7.40 -7.26 -35.38
C ARG G 174 -8.80 -7.17 -34.78
N ASN G 175 -8.87 -6.87 -33.48
CA ASN G 175 -10.11 -6.46 -32.90
C ASN G 175 -9.83 -5.29 -31.95
N SER G 176 -10.89 -4.72 -31.38
CA SER G 176 -10.78 -3.55 -30.53
C SER G 176 -12.02 -3.42 -29.68
N PHE G 177 -11.87 -2.66 -28.59
CA PHE G 177 -12.92 -2.31 -27.66
C PHE G 177 -12.54 -0.99 -26.99
N GLU G 178 -13.57 -0.28 -26.56
CA GLU G 178 -13.34 0.97 -25.89
C GLU G 178 -13.09 0.62 -24.45
N VAL G 179 -12.39 1.49 -23.74
CA VAL G 179 -12.06 1.24 -22.33
C VAL G 179 -12.37 2.49 -21.50
N ARG G 180 -12.94 2.29 -20.29
CA ARG G 180 -12.90 3.32 -19.26
C ARG G 180 -12.26 2.73 -18.01
N VAL G 181 -11.13 3.31 -17.59
CA VAL G 181 -10.55 2.96 -16.32
C VAL G 181 -11.14 3.96 -15.30
N CYS G 182 -11.76 3.46 -14.23
CA CYS G 182 -12.41 4.34 -13.25
C CYS G 182 -12.50 3.55 -11.97
N ALA G 183 -12.82 4.25 -10.88
CA ALA G 183 -12.93 3.68 -9.57
C ALA G 183 -14.17 2.77 -9.45
N CYS G 184 -15.28 3.14 -10.10
CA CYS G 184 -16.53 2.35 -9.98
C CYS G 184 -17.09 1.84 -11.33
N PRO G 185 -16.50 0.75 -11.86
CA PRO G 185 -16.89 0.26 -13.23
C PRO G 185 -18.38 -0.06 -13.41
N GLY G 186 -19.01 -0.70 -12.41
CA GLY G 186 -20.44 -1.03 -12.47
C GLY G 186 -21.29 0.22 -12.56
N ARG G 187 -21.04 1.18 -11.68
CA ARG G 187 -21.77 2.43 -11.69
C ARG G 187 -21.62 3.13 -13.04
N ASP G 188 -20.38 3.28 -13.49
CA ASP G 188 -20.12 4.06 -14.71
C ASP G 188 -20.60 3.35 -15.96
N ARG G 189 -20.58 2.00 -15.94
CA ARG G 189 -21.14 1.23 -17.07
C ARG G 189 -22.63 1.59 -17.19
N ARG G 190 -23.35 1.51 -16.07
CA ARG G 190 -24.78 1.84 -16.05
C ARG G 190 -25.08 3.28 -16.51
N THR G 191 -24.30 4.24 -16.04
CA THR G 191 -24.44 5.62 -16.44
C THR G 191 -24.29 5.80 -17.93
N GLU G 192 -23.21 5.29 -18.53
CA GLU G 192 -23.02 5.51 -19.96
C GLU G 192 -24.11 4.84 -20.76
N GLU G 193 -24.49 3.62 -20.36
CA GLU G 193 -25.55 2.89 -21.05
C GLU G 193 -26.87 3.67 -21.05
N GLU G 194 -27.27 4.13 -19.87
CA GLU G 194 -28.51 4.91 -19.73
C GLU G 194 -28.47 6.20 -20.57
N ASN G 195 -27.32 6.87 -20.60
CA ASN G 195 -27.08 8.00 -21.52
C ASN G 195 -27.21 7.66 -22.99
N LEU G 196 -27.17 6.38 -23.33
CA LEU G 196 -27.29 5.96 -24.71
C LEU G 196 -28.75 5.75 -25.07
N ARG G 197 -29.66 6.25 -24.23
CA ARG G 197 -31.10 6.12 -24.46
C ARG G 197 -31.86 7.45 -24.35
N LYS G 198 -31.18 8.51 -23.89
N SER H 1 12.87 15.09 2.67
CA SER H 1 13.86 16.13 3.10
C SER H 1 13.85 16.36 4.62
N SER H 2 13.49 17.59 4.99
CA SER H 2 14.04 18.24 6.17
C SER H 2 13.02 18.76 7.18
N SER H 3 13.52 19.19 8.35
CA SER H 3 12.74 19.59 9.54
C SER H 3 11.61 20.59 9.28
N VAL H 4 10.68 20.76 10.23
CA VAL H 4 9.65 21.80 10.06
C VAL H 4 10.00 23.16 10.74
N PRO H 5 10.01 24.26 9.94
CA PRO H 5 10.01 25.69 10.38
C PRO H 5 8.94 26.02 11.44
N SER H 6 9.27 26.86 12.40
CA SER H 6 8.32 27.15 13.47
C SER H 6 7.10 27.82 12.90
N GLN H 7 5.94 27.52 13.44
CA GLN H 7 4.70 28.17 13.01
C GLN H 7 4.10 28.99 14.18
N LYS H 8 4.88 29.10 15.25
CA LYS H 8 4.47 29.91 16.39
C LYS H 8 4.27 31.40 16.02
N THR H 9 3.09 31.89 16.38
CA THR H 9 2.75 33.27 16.20
C THR H 9 3.71 34.12 17.02
N TYR H 10 4.34 35.08 16.35
CA TYR H 10 5.23 35.99 16.98
C TYR H 10 4.98 37.38 16.43
N GLN H 11 4.14 38.17 17.09
CA GLN H 11 3.89 39.57 16.67
C GLN H 11 5.16 40.45 16.71
N GLY H 12 6.00 40.21 17.72
CA GLY H 12 7.32 40.84 17.80
C GLY H 12 7.24 42.31 18.13
N SER H 13 8.36 43.01 17.90
CA SER H 13 8.46 44.41 18.30
C SER H 13 7.57 45.35 17.47
N TYR H 14 7.25 44.98 16.22
CA TYR H 14 6.40 45.85 15.40
C TYR H 14 4.90 45.59 15.46
N GLY H 15 4.48 44.71 16.35
CA GLY H 15 3.05 44.40 16.48
C GLY H 15 2.42 43.75 15.23
N PHE H 16 3.09 42.73 14.67
CA PHE H 16 2.74 42.14 13.37
C PHE H 16 1.53 41.22 13.47
N ARG H 17 0.44 41.63 12.79
CA ARG H 17 -0.77 40.80 12.65
C ARG H 17 -1.14 40.71 11.18
N LEU H 18 -1.97 39.71 10.84
CA LEU H 18 -2.54 39.56 9.51
C LEU H 18 -4.00 39.90 9.57
N GLY H 19 -4.55 40.25 8.41
CA GLY H 19 -5.98 40.48 8.26
C GLY H 19 -6.41 40.09 6.87
N PHE H 20 -7.70 39.79 6.73
CA PHE H 20 -8.27 39.24 5.49
C PHE H 20 -9.56 39.92 5.23
N LEU H 21 -9.90 40.13 3.95
CA LEU H 21 -11.19 40.69 3.58
C LEU H 21 -12.32 39.77 4.06
N HIS H 22 -13.49 40.36 4.35
CA HIS H 22 -14.66 39.63 4.85
C HIS H 22 -15.50 39.06 3.71
N SER H 23 -14.94 38.13 2.94
CA SER H 23 -15.49 37.77 1.62
C SER H 23 -16.79 36.96 1.63
N GLY H 24 -17.26 36.67 0.42
CA GLY H 24 -18.43 35.80 0.21
C GLY H 24 -18.36 34.37 0.74
N THR H 25 -19.42 33.61 0.49
CA THR H 25 -19.50 32.19 0.86
C THR H 25 -20.34 31.43 -0.19
N ALA H 26 -20.60 32.10 -1.31
CA ALA H 26 -21.18 31.52 -2.51
C ALA H 26 -20.24 30.45 -3.06
N LYS H 27 -20.85 29.41 -3.64
CA LYS H 27 -20.21 28.12 -3.92
C LYS H 27 -18.76 28.29 -4.39
N SER H 28 -18.58 29.06 -5.47
CA SER H 28 -17.27 29.20 -6.16
C SER H 28 -16.63 30.62 -6.07
N VAL H 29 -16.83 31.28 -4.93
CA VAL H 29 -16.15 32.55 -4.66
C VAL H 29 -14.64 32.30 -4.83
N THR H 30 -13.89 33.24 -5.41
CA THR H 30 -12.50 32.95 -5.76
C THR H 30 -11.59 32.78 -4.53
N CYS H 31 -11.94 33.51 -3.46
CA CYS H 31 -11.14 33.55 -2.26
C CYS H 31 -12.04 33.95 -1.10
N THR H 32 -12.08 33.15 -0.05
CA THR H 32 -12.83 33.47 1.17
C THR H 32 -12.13 33.04 2.47
N TYR H 33 -12.15 33.89 3.50
CA TYR H 33 -11.52 33.56 4.79
C TYR H 33 -12.50 33.28 5.96
N SER H 34 -12.26 32.20 6.68
CA SER H 34 -13.06 31.80 7.82
C SER H 34 -12.32 32.16 9.10
N PRO H 35 -12.83 33.18 9.83
CA PRO H 35 -12.24 33.61 11.12
C PRO H 35 -12.27 32.50 12.12
N ALA H 36 -13.36 31.71 12.10
CA ALA H 36 -13.54 30.54 13.00
C ALA H 36 -12.52 29.43 12.79
N LEU H 37 -12.15 29.20 11.54
CA LEU H 37 -11.13 28.19 11.32
C LEU H 37 -9.72 28.80 11.23
N ASN H 38 -9.62 30.13 11.16
CA ASN H 38 -8.36 30.78 10.76
C ASN H 38 -7.89 30.12 9.43
N LYS H 39 -8.82 30.03 8.48
CA LYS H 39 -8.58 29.26 7.26
C LYS H 39 -9.11 29.96 6.04
N MET H 40 -8.25 30.06 5.02
CA MET H 40 -8.58 30.63 3.72
C MET H 40 -9.08 29.49 2.84
N PHE H 41 -10.05 29.80 1.98
CA PHE H 41 -10.53 28.85 1.00
C PHE H 41 -10.38 29.59 -0.29
N CYS H 42 -9.74 28.97 -1.26
CA CYS H 42 -9.45 29.70 -2.48
C CYS H 42 -9.31 28.79 -3.69
N GLN H 43 -9.54 29.37 -4.85
CA GLN H 43 -9.28 28.67 -6.09
C GLN H 43 -7.87 28.82 -6.63
N LEU H 44 -7.50 27.80 -7.42
CA LEU H 44 -6.22 27.64 -8.04
C LEU H 44 -5.95 28.87 -8.92
N ALA H 45 -4.81 29.53 -8.74
CA ALA H 45 -4.42 30.64 -9.63
C ALA H 45 -5.26 31.92 -9.44
N LYS H 46 -6.12 31.99 -8.44
CA LYS H 46 -6.91 33.19 -8.21
C LYS H 46 -6.30 34.06 -7.11
N THR H 47 -6.55 35.36 -7.16
CA THR H 47 -5.93 36.33 -6.26
C THR H 47 -6.34 36.08 -4.84
N CYS H 48 -5.39 35.97 -3.92
CA CYS H 48 -5.71 35.82 -2.49
C CYS H 48 -5.12 36.98 -1.69
N PRO H 49 -5.92 38.03 -1.44
CA PRO H 49 -5.37 39.15 -0.69
C PRO H 49 -5.07 38.79 0.75
N VAL H 50 -3.87 39.17 1.21
CA VAL H 50 -3.46 39.01 2.61
C VAL H 50 -2.93 40.34 3.11
N GLN H 51 -3.48 40.76 4.26
CA GLN H 51 -3.19 42.06 4.85
C GLN H 51 -2.17 41.98 5.94
N LEU H 52 -1.16 42.81 5.80
CA LEU H 52 -0.17 42.99 6.86
C LEU H 52 -0.56 44.22 7.69
N TRP H 53 -0.69 44.04 9.02
CA TRP H 53 -0.96 45.10 9.97
C TRP H 53 0.17 45.09 11.01
N VAL H 54 0.93 46.18 11.09
CA VAL H 54 1.94 46.38 12.15
C VAL H 54 1.58 47.61 13.03
N ASP H 55 1.85 47.55 14.35
CA ASP H 55 1.58 48.68 15.26
C ASP H 55 2.63 49.76 15.08
N SER H 56 3.75 49.38 14.51
CA SER H 56 4.94 50.21 14.44
C SER H 56 5.66 49.80 13.16
N THR H 57 6.25 50.76 12.46
CA THR H 57 6.84 50.49 11.17
C THR H 57 8.23 49.86 11.24
N PRO H 58 8.41 48.72 10.54
CA PRO H 58 9.69 48.01 10.40
C PRO H 58 10.67 48.80 9.53
N PRO H 59 11.96 48.64 9.78
CA PRO H 59 12.96 49.41 9.07
C PRO H 59 13.05 49.11 7.55
N PRO H 60 13.64 50.06 6.81
CA PRO H 60 13.95 49.88 5.40
C PRO H 60 14.55 48.49 5.18
N GLY H 61 14.14 47.81 4.12
CA GLY H 61 14.81 46.58 3.80
C GLY H 61 14.17 45.35 4.42
N THR H 62 13.29 45.54 5.41
CA THR H 62 12.38 44.46 5.87
C THR H 62 11.74 43.75 4.65
N ARG H 63 11.56 42.43 4.79
CA ARG H 63 10.99 41.60 3.73
C ARG H 63 9.87 40.74 4.26
N VAL H 64 8.96 40.34 3.37
CA VAL H 64 7.79 39.53 3.73
C VAL H 64 7.88 38.21 2.96
N ARG H 65 8.00 37.12 3.72
CA ARG H 65 8.15 35.79 3.16
C ARG H 65 6.90 34.95 3.47
N ALA H 66 6.41 34.19 2.49
CA ALA H 66 5.41 33.14 2.75
C ALA H 66 5.96 31.77 2.38
N MET H 67 5.52 30.76 3.12
CA MET H 67 5.98 29.42 2.91
C MET H 67 4.87 28.52 3.42
N ALA H 68 4.63 27.43 2.71
CA ALA H 68 3.58 26.49 3.07
C ALA H 68 4.18 25.27 3.77
N ILE H 69 3.45 24.67 4.69
CA ILE H 69 3.94 23.43 5.35
C ILE H 69 2.74 22.51 5.53
N TYR H 70 2.96 21.20 5.56
CA TYR H 70 1.83 20.35 5.92
C TYR H 70 1.43 20.54 7.40
N LYS H 71 0.14 20.76 7.63
CA LYS H 71 -0.41 20.82 8.95
C LYS H 71 0.00 19.60 9.82
N GLN H 72 -0.24 18.37 9.32
CA GLN H 72 -0.15 17.15 10.13
C GLN H 72 1.26 16.61 10.34
N SER H 73 1.51 16.06 11.54
CA SER H 73 2.87 15.68 11.97
C SER H 73 3.58 14.62 11.14
N GLN H 74 2.83 13.60 10.75
CA GLN H 74 3.39 12.56 9.90
C GLN H 74 3.85 13.19 8.57
N HIS H 75 3.26 14.32 8.22
CA HIS H 75 3.53 15.00 6.93
C HIS H 75 4.47 16.24 7.03
N MET H 76 4.63 16.74 8.26
CA MET H 76 5.40 17.95 8.55
C MET H 76 6.77 18.05 7.87
N THR H 77 7.52 16.96 7.74
CA THR H 77 8.88 17.10 7.18
C THR H 77 8.90 17.13 5.65
N GLU H 78 7.77 16.80 5.05
CA GLU H 78 7.68 16.82 3.61
C GLU H 78 7.46 18.26 3.09
N VAL H 79 8.33 18.64 2.17
CA VAL H 79 8.18 19.87 1.37
C VAL H 79 6.88 19.91 0.58
N VAL H 80 6.07 20.93 0.86
CA VAL H 80 4.88 21.24 0.07
C VAL H 80 5.33 21.77 -1.33
N ARG H 81 5.01 21.02 -2.36
CA ARG H 81 5.34 21.48 -3.71
C ARG H 81 4.14 21.19 -4.62
N ARG H 82 4.25 21.64 -5.87
CA ARG H 82 3.20 21.38 -6.88
C ARG H 82 3.22 19.90 -7.29
N CYS H 83 2.06 19.32 -7.58
CA CYS H 83 1.99 17.96 -8.19
C CYS H 83 2.71 17.88 -9.54
N PRO H 84 3.13 16.67 -9.97
CA PRO H 84 3.85 16.54 -11.24
C PRO H 84 3.13 17.15 -12.47
N HIS H 85 1.81 17.01 -12.52
CA HIS H 85 1.03 17.61 -13.62
C HIS H 85 1.12 19.13 -13.67
N HIS H 86 0.80 19.79 -12.54
CA HIS H 86 0.81 21.25 -12.57
C HIS H 86 2.21 21.81 -12.72
N GLU H 87 3.20 21.10 -12.20
CA GLU H 87 4.55 21.58 -12.37
C GLU H 87 4.93 21.63 -13.85
N ARG H 88 4.39 20.72 -14.65
CA ARG H 88 4.69 20.65 -16.11
C ARG H 88 3.69 21.43 -16.97
N CYS H 89 2.71 22.04 -16.33
CA CYS H 89 1.75 22.97 -16.96
C CYS H 89 2.38 24.23 -17.48
N SER H 90 1.87 24.74 -18.60
CA SER H 90 2.39 25.98 -19.10
C SER H 90 1.66 27.16 -18.47
N ASP H 91 1.95 27.37 -17.19
CA ASP H 91 1.25 28.43 -16.48
C ASP H 91 2.18 29.43 -15.76
N SER H 92 3.45 29.44 -16.12
CA SER H 92 4.34 30.42 -15.58
C SER H 92 3.76 31.82 -15.62
N ASP H 93 4.07 32.62 -14.60
CA ASP H 93 3.70 34.03 -14.60
C ASP H 93 4.93 34.81 -15.02
N GLY H 94 5.96 34.08 -15.42
CA GLY H 94 7.17 34.69 -15.91
C GLY H 94 8.22 34.73 -14.85
N LEU H 95 7.80 34.64 -13.58
CA LEU H 95 8.72 34.88 -12.47
C LEU H 95 8.90 33.68 -11.53
N ALA H 96 7.81 33.02 -11.17
CA ALA H 96 7.87 31.91 -10.23
C ALA H 96 8.43 30.67 -10.88
N PRO H 97 9.35 29.97 -10.20
CA PRO H 97 9.71 28.59 -10.68
C PRO H 97 8.48 27.65 -10.71
N PRO H 98 8.42 26.75 -11.69
CA PRO H 98 7.21 25.94 -11.88
C PRO H 98 6.82 25.00 -10.76
N GLN H 99 7.74 24.68 -9.87
CA GLN H 99 7.46 23.79 -8.71
C GLN H 99 6.79 24.53 -7.55
N HIS H 100 6.95 25.84 -7.49
CA HIS H 100 6.43 26.60 -6.33
C HIS H 100 4.88 26.65 -6.24
N LEU H 101 4.35 26.24 -5.10
CA LEU H 101 2.92 26.35 -4.89
C LEU H 101 2.44 27.83 -4.78
N ILE H 102 3.21 28.64 -4.07
CA ILE H 102 2.77 29.97 -3.67
C ILE H 102 3.48 31.00 -4.54
N ARG H 103 2.70 31.84 -5.22
CA ARG H 103 3.28 32.97 -6.03
C ARG H 103 2.78 34.29 -5.44
N VAL H 104 3.49 35.38 -5.72
CA VAL H 104 2.92 36.71 -5.49
C VAL H 104 2.65 37.31 -6.84
N GLU H 105 1.43 37.81 -7.04
CA GLU H 105 1.16 38.62 -8.25
C GLU H 105 1.40 40.13 -7.98
N GLY H 106 1.79 40.83 -9.03
CA GLY H 106 1.71 42.29 -9.11
C GLY H 106 2.92 43.00 -8.58
N ASN H 107 4.04 42.26 -8.50
CA ASN H 107 5.18 42.75 -7.74
C ASN H 107 6.42 42.30 -8.39
N LEU H 108 6.98 43.19 -9.22
CA LEU H 108 8.20 42.88 -9.94
C LEU H 108 9.45 42.68 -9.08
N ARG H 109 9.42 43.09 -7.80
CA ARG H 109 10.52 42.82 -6.85
C ARG H 109 10.37 41.49 -6.07
N VAL H 110 9.49 40.62 -6.54
CA VAL H 110 9.28 39.31 -5.91
C VAL H 110 10.55 38.45 -6.04
N GLU H 111 10.89 37.69 -5.00
CA GLU H 111 11.91 36.65 -5.18
C GLU H 111 11.41 35.34 -4.67
N TYR H 112 11.93 34.29 -5.28
CA TYR H 112 11.51 32.95 -5.01
C TYR H 112 12.73 32.18 -4.53
N LEU H 113 12.61 31.51 -3.39
CA LEU H 113 13.75 30.74 -2.87
C LEU H 113 13.54 29.25 -2.82
N ASP H 114 14.52 28.53 -3.36
CA ASP H 114 14.65 27.09 -3.14
C ASP H 114 15.72 26.89 -2.08
N ASP H 115 15.29 26.67 -0.85
CA ASP H 115 16.24 26.62 0.26
C ASP H 115 17.15 25.42 0.10
N ARG H 116 18.44 25.73 0.00
CA ARG H 116 19.44 24.71 -0.19
C ARG H 116 19.70 23.76 1.00
N ASN H 117 19.30 24.19 2.19
CA ASN H 117 19.51 23.38 3.38
C ASN H 117 18.28 22.62 3.79
N THR H 118 17.11 23.21 3.60
CA THR H 118 15.85 22.57 3.96
C THR H 118 15.03 22.06 2.77
N PHE H 119 15.36 22.53 1.55
CA PHE H 119 14.62 22.19 0.33
C PHE H 119 13.22 22.82 0.29
N ARG H 120 12.89 23.60 1.30
CA ARG H 120 11.57 24.22 1.39
C ARG H 120 11.54 25.37 0.42
N HIS H 121 10.34 25.64 -0.13
CA HIS H 121 10.13 26.77 -1.06
C HIS H 121 9.53 27.94 -0.31
N SER H 122 9.94 29.15 -0.70
CA SER H 122 9.21 30.33 -0.26
C SER H 122 9.23 31.46 -1.30
N VAL H 123 8.32 32.39 -1.08
CA VAL H 123 8.26 33.58 -1.89
C VAL H 123 8.31 34.81 -1.00
N VAL H 124 9.22 35.71 -1.36
CA VAL H 124 9.46 36.87 -0.52
C VAL H 124 9.37 38.18 -1.33
N VAL H 125 8.73 39.19 -0.76
CA VAL H 125 8.71 40.55 -1.34
C VAL H 125 9.14 41.61 -0.29
N PRO H 126 9.74 42.76 -0.73
CA PRO H 126 10.03 43.87 0.19
C PRO H 126 8.79 44.28 0.99
N TYR H 127 8.96 44.55 2.27
CA TYR H 127 7.83 45.12 3.02
C TYR H 127 7.61 46.57 2.53
N GLU H 128 6.36 46.96 2.32
CA GLU H 128 6.00 48.35 2.05
C GLU H 128 4.99 48.80 3.10
N PRO H 129 5.24 49.94 3.76
CA PRO H 129 4.24 50.49 4.69
C PRO H 129 2.95 50.90 3.92
N PRO H 130 1.78 50.91 4.61
CA PRO H 130 0.56 51.32 3.88
C PRO H 130 0.73 52.69 3.23
N GLU H 131 -0.15 53.04 2.30
CA GLU H 131 0.10 54.17 1.42
C GLU H 131 -0.29 55.52 2.06
N VAL H 132 -1.58 55.84 1.99
CA VAL H 132 -2.13 57.06 2.58
C VAL H 132 -3.54 56.70 3.03
N GLY H 133 -3.85 56.93 4.30
CA GLY H 133 -5.18 56.61 4.85
C GLY H 133 -5.52 55.11 4.92
N SER H 134 -4.75 54.30 4.19
CA SER H 134 -4.78 52.83 4.29
C SER H 134 -4.17 52.38 5.63
N ASP H 135 -4.79 51.40 6.29
CA ASP H 135 -4.26 50.95 7.58
C ASP H 135 -3.38 49.66 7.54
N CYS H 136 -3.27 49.05 6.36
CA CYS H 136 -2.55 47.79 6.22
C CYS H 136 -1.85 47.73 4.88
N THR H 137 -0.91 46.79 4.75
CA THR H 137 -0.35 46.40 3.45
C THR H 137 -0.99 45.07 2.98
N THR H 138 -1.37 45.05 1.72
CA THR H 138 -1.97 43.88 1.11
C THR H 138 -1.01 43.31 0.10
N ILE H 139 -0.79 41.99 0.23
CA ILE H 139 -0.05 41.21 -0.72
C ILE H 139 -1.07 40.26 -1.37
N HIS H 140 -0.96 40.06 -2.66
CA HIS H 140 -1.84 39.17 -3.41
C HIS H 140 -1.04 37.94 -3.72
N TYR H 141 -1.39 36.84 -3.03
CA TYR H 141 -0.79 35.51 -3.26
C TYR H 141 -1.64 34.76 -4.26
N ASN H 142 -1.02 33.82 -4.99
CA ASN H 142 -1.73 32.81 -5.76
C ASN H 142 -1.28 31.41 -5.30
N TYR H 143 -2.22 30.46 -5.23
CA TYR H 143 -1.90 29.06 -4.94
C TYR H 143 -2.09 28.20 -6.18
N MET H 144 -1.02 27.56 -6.60
CA MET H 144 -1.00 26.92 -7.92
C MET H 144 -1.27 25.40 -8.01
N CYS H 145 -1.76 24.79 -6.92
CA CYS H 145 -2.35 23.44 -6.97
C CYS H 145 -3.55 23.47 -6.03
N ASN H 146 -4.58 22.66 -6.31
CA ASN H 146 -5.62 22.33 -5.33
C ASN H 146 -5.10 21.51 -4.19
N SER H 147 -5.77 21.58 -3.04
CA SER H 147 -5.37 20.71 -1.91
C SER H 147 -5.45 19.24 -2.30
N SER H 148 -6.33 18.94 -3.25
CA SER H 148 -6.55 17.55 -3.61
C SER H 148 -5.51 16.93 -4.59
N CYS H 149 -4.65 17.73 -5.19
CA CYS H 149 -3.84 17.26 -6.32
C CYS H 149 -3.10 15.99 -5.93
N MET H 150 -3.39 14.90 -6.64
CA MET H 150 -2.68 13.68 -6.37
C MET H 150 -1.25 13.90 -6.83
N GLY H 151 -0.29 13.30 -6.11
CA GLY H 151 1.12 13.56 -6.35
C GLY H 151 1.67 14.86 -5.75
N GLY H 152 0.77 15.67 -5.21
CA GLY H 152 1.17 16.92 -4.57
C GLY H 152 0.65 16.92 -3.16
N MET H 153 -0.16 17.93 -2.80
CA MET H 153 -0.76 18.02 -1.46
C MET H 153 -1.73 16.86 -1.16
N ASN H 154 -2.19 16.18 -2.20
CA ASN H 154 -3.00 14.97 -2.05
C ASN H 154 -3.97 14.96 -0.87
N ARG H 155 -4.78 16.00 -0.78
CA ARG H 155 -5.91 16.10 0.17
C ARG H 155 -5.46 16.43 1.60
N ARG H 156 -4.15 16.52 1.81
CA ARG H 156 -3.54 16.90 3.09
C ARG H 156 -3.54 18.43 3.34
N PRO H 157 -4.08 18.87 4.50
CA PRO H 157 -4.13 20.32 4.84
C PRO H 157 -2.77 20.95 4.98
N ILE H 158 -2.69 22.21 4.59
CA ILE H 158 -1.46 22.99 4.75
C ILE H 158 -1.70 24.27 5.52
N LEU H 159 -0.60 24.79 6.04
CA LEU H 159 -0.60 26.08 6.65
C LEU H 159 0.29 26.94 5.76
N THR H 160 -0.07 28.20 5.61
CA THR H 160 0.87 29.18 5.04
C THR H 160 1.42 29.95 6.23
N ILE H 161 2.74 30.16 6.25
CA ILE H 161 3.37 30.88 7.36
C ILE H 161 3.98 32.14 6.76
N ILE H 162 3.43 33.31 7.14
CA ILE H 162 3.99 34.62 6.75
C ILE H 162 5.01 35.16 7.80
N THR H 163 6.25 35.40 7.39
CA THR H 163 7.24 35.97 8.31
C THR H 163 7.69 37.36 7.90
N LEU H 164 7.84 38.22 8.89
CA LEU H 164 8.46 39.49 8.68
C LEU H 164 9.95 39.28 9.03
N GLU H 165 10.82 39.75 8.14
CA GLU H 165 12.23 39.57 8.36
C GLU H 165 13.05 40.74 7.90
N ASP H 166 14.24 40.92 8.48
CA ASP H 166 15.09 42.07 8.21
C ASP H 166 15.94 41.78 6.99
N SER H 167 16.64 42.79 6.46
CA SER H 167 17.29 42.67 5.15
C SER H 167 18.24 41.49 5.08
N SER H 168 18.67 41.00 6.26
CA SER H 168 19.58 39.87 6.41
C SER H 168 18.90 38.49 6.62
N GLY H 169 17.58 38.52 6.75
CA GLY H 169 16.80 37.29 6.83
C GLY H 169 16.58 36.94 8.27
N ASN H 170 16.77 37.88 9.19
CA ASN H 170 16.49 37.62 10.62
C ASN H 170 15.02 37.85 10.99
N LEU H 171 14.47 36.96 11.81
CA LEU H 171 13.05 36.97 12.10
C LEU H 171 12.60 38.24 12.81
N LEU H 172 11.54 38.89 12.32
CA LEU H 172 10.97 40.05 13.05
C LEU H 172 9.59 39.82 13.63
N GLY H 173 8.94 38.75 13.16
CA GLY H 173 7.55 38.51 13.45
C GLY H 173 7.05 37.42 12.53
N ARG H 174 5.96 36.77 12.95
CA ARG H 174 5.46 35.58 12.29
C ARG H 174 3.98 35.36 12.57
N ASN H 175 3.24 35.02 11.52
CA ASN H 175 1.83 34.62 11.64
C ASN H 175 1.52 33.45 10.69
N SER H 176 0.40 32.78 10.90
CA SER H 176 0.04 31.70 10.00
C SER H 176 -1.46 31.56 9.83
N PHE H 177 -1.83 30.86 8.77
CA PHE H 177 -3.20 30.52 8.49
C PHE H 177 -3.24 29.21 7.68
N GLU H 178 -4.29 28.44 7.90
CA GLU H 178 -4.57 27.24 7.15
C GLU H 178 -5.13 27.60 5.76
N VAL H 179 -4.82 26.78 4.76
CA VAL H 179 -5.37 26.96 3.42
C VAL H 179 -6.04 25.69 2.88
N ARG H 180 -7.19 25.84 2.26
CA ARG H 180 -7.65 24.81 1.31
C ARG H 180 -7.84 25.46 -0.06
N VAL H 181 -7.08 24.97 -1.04
CA VAL H 181 -7.23 25.35 -2.44
C VAL H 181 -8.13 24.31 -3.05
N CYS H 182 -9.23 24.76 -3.58
CA CYS H 182 -10.28 23.87 -4.02
C CYS H 182 -11.09 24.60 -5.08
N ALA H 183 -11.99 23.86 -5.74
CA ALA H 183 -12.86 24.33 -6.81
C ALA H 183 -13.97 25.25 -6.36
N CYS H 184 -14.51 25.01 -5.18
CA CYS H 184 -15.68 25.77 -4.70
C CYS H 184 -15.45 26.21 -3.27
N PRO H 185 -14.67 27.29 -3.07
CA PRO H 185 -14.29 27.82 -1.75
C PRO H 185 -15.49 28.08 -0.82
N GLY H 186 -16.58 28.59 -1.39
CA GLY H 186 -17.78 28.94 -0.62
C GLY H 186 -18.44 27.71 -0.03
N ARG H 187 -18.80 26.78 -0.92
CA ARG H 187 -19.34 25.48 -0.50
C ARG H 187 -18.47 24.78 0.57
N ASP H 188 -17.16 24.73 0.33
CA ASP H 188 -16.28 24.01 1.22
C ASP H 188 -16.08 24.75 2.55
N ARG H 189 -16.10 26.09 2.55
CA ARG H 189 -16.07 26.85 3.85
C ARG H 189 -17.30 26.60 4.68
N ARG H 190 -18.47 26.73 4.03
CA ARG H 190 -19.74 26.43 4.67
C ARG H 190 -19.64 25.08 5.35
N THR H 191 -19.41 24.06 4.52
CA THR H 191 -19.25 22.68 4.95
C THR H 191 -18.37 22.56 6.18
N GLU H 192 -17.16 23.12 6.10
CA GLU H 192 -16.16 22.96 7.15
C GLU H 192 -16.54 23.71 8.45
N GLU H 193 -17.18 24.87 8.31
CA GLU H 193 -17.65 25.63 9.46
C GLU H 193 -18.82 24.93 10.14
N GLU H 194 -19.85 24.62 9.32
CA GLU H 194 -20.94 23.70 9.70
C GLU H 194 -20.48 22.50 10.50
N ASN H 195 -19.45 21.81 10.01
CA ASN H 195 -18.96 20.64 10.70
C ASN H 195 -18.30 20.97 12.04
N LEU H 196 -17.73 22.18 12.14
CA LEU H 196 -17.07 22.60 13.36
C LEU H 196 -18.07 22.70 14.51
N ARG H 197 -19.09 23.55 14.34
CA ARG H 197 -20.15 23.70 15.34
C ARG H 197 -21.22 22.61 15.22
N LYS H 198 -20.81 21.34 15.27
ZN ZN I . 0.40 -8.72 13.73
ZN ZN J . 7.47 -17.67 8.15
ZN ZN K . -2.66 8.52 -13.86
ZN ZN L . -1.67 20.19 -8.81
#